data_3MVY
#
_entry.id   3MVY
#
_cell.length_a   86.985
_cell.length_b   95.172
_cell.length_c   125.049
_cell.angle_alpha   90.00
_cell.angle_beta   90.00
_cell.angle_gamma   90.00
#
_symmetry.space_group_name_H-M   'P 21 21 21'
#
loop_
_entity.id
_entity.type
_entity.pdbx_description
1 polymer 'Nickel-binding periplasmic protein'
2 non-polymer 'ACETATE ION'
3 non-polymer 'SULFATE ION'
4 non-polymer GLYCEROL
5 non-polymer 'FE (III) ION'
6 non-polymer '2-[2-[carboxymethyl(phenylmethyl)amino]ethyl-[(2-hydroxyphenyl)methyl]amino]ethanoic acid'
7 non-polymer 'PEROXIDE ION'
8 non-polymer 'CHLORIDE ION'
9 water water
#
_entity_poly.entity_id   1
_entity_poly.type   'polypeptide(L)'
_entity_poly.pdbx_seq_one_letter_code
;AAPDEITTAWPVNVGPLNPHLYTPNQMFAQSMVYEPLVKYQADGSVIPWLAKSWTHSEDGKTWTFTLRDDVKFSNGEPFD
AEAAAENFRAVLDNRQRHAWLELANQIVDVKALSKTELQITLKSAYYPFLQELALPRPFRFIAPSQFKNHETMNGIKAPI
GTGPWILQESKLNQYDVFVRNENYWGEKPAIKKITFNVIPDPTTRAVAFETGDIDLLYGNEGLLPLDTFARFSQNPAYHT
QLSQPIETVMLALNTAKAPTNELAVREALNYAVNKKSLIDNALYGTQQVADTLFAPSVPYANLGLKPSQYDPQKAKALLE
KAGWTLPAGKDIREKNGQPLRIELSFIGTDALSKSMAEIIQADMRQIGADVSLIGEEESSIYARQRDGRFGMIFHRTWGA
PYDPHAFLSSMRVPSHADFQAQQGLADKPLIDKEIGEVLATHDETQRQALYRDILTRLHDEAVYLPISYISMMVVSKPEL
GNIPYAPIATEIPFEQIKPVKP
;
_entity_poly.pdbx_strand_id   A,B
#
loop_
_chem_comp.id
_chem_comp.type
_chem_comp.name
_chem_comp.formula
ACT non-polymer 'ACETATE ION' 'C2 H3 O2 -1'
BHZ non-polymer '2-[2-[carboxymethyl(phenylmethyl)amino]ethyl-[(2-hydroxyphenyl)methyl]amino]ethanoic acid' 'C20 H24 N2 O5'
CL non-polymer 'CHLORIDE ION' 'Cl -1'
FE non-polymer 'FE (III) ION' 'Fe 3'
GOL non-polymer GLYCEROL 'C3 H8 O3'
PER non-polymer 'PEROXIDE ION' 'O2 -2'
SO4 non-polymer 'SULFATE ION' 'O4 S -2'
#
# COMPACT_ATOMS: atom_id res chain seq x y z
N ALA A 2 -11.57 0.52 31.36
CA ALA A 2 -12.15 1.26 30.20
C ALA A 2 -11.13 1.86 29.21
N PRO A 3 -9.91 2.24 29.67
CA PRO A 3 -8.98 2.94 28.72
C PRO A 3 -8.19 2.00 27.78
N ASP A 4 -8.15 0.73 28.16
CA ASP A 4 -7.52 -0.30 27.35
C ASP A 4 -8.57 -1.38 26.94
N GLU A 5 -9.85 -1.00 26.96
CA GLU A 5 -10.96 -1.82 26.46
C GLU A 5 -11.71 -1.07 25.37
N ILE A 6 -11.98 -1.70 24.23
CA ILE A 6 -12.73 -1.01 23.18
C ILE A 6 -14.01 -1.72 22.75
N THR A 7 -14.97 -0.92 22.28
CA THR A 7 -16.20 -1.44 21.74
C THR A 7 -16.20 -1.09 20.27
N THR A 8 -16.64 -2.04 19.46
CA THR A 8 -16.67 -1.92 18.01
C THR A 8 -17.89 -2.70 17.53
N ALA A 9 -17.99 -2.91 16.23
CA ALA A 9 -19.24 -3.41 15.70
C ALA A 9 -18.99 -4.36 14.54
N TRP A 10 -19.93 -5.26 14.30
CA TRP A 10 -19.88 -6.15 13.15
C TRP A 10 -21.32 -6.42 12.73
N PRO A 11 -21.55 -6.72 11.45
CA PRO A 11 -22.93 -6.89 10.98
C PRO A 11 -23.65 -8.14 11.48
N VAL A 12 -22.89 -9.16 11.88
CA VAL A 12 -23.43 -10.43 12.46
C VAL A 12 -22.47 -10.86 13.54
N ASN A 13 -22.84 -11.87 14.34
CA ASN A 13 -21.92 -12.50 15.30
C ASN A 13 -20.71 -13.11 14.60
N VAL A 14 -19.68 -13.44 15.38
CA VAL A 14 -18.49 -14.03 14.84
C VAL A 14 -18.63 -15.50 14.49
N GLY A 15 -19.72 -16.12 14.96
CA GLY A 15 -19.94 -17.54 14.71
C GLY A 15 -19.28 -18.37 15.79
N PRO A 16 -19.41 -19.71 15.73
CA PRO A 16 -18.76 -20.58 16.72
C PRO A 16 -17.22 -20.55 16.71
N LEU A 17 -16.60 -20.04 15.65
CA LEU A 17 -15.14 -19.99 15.54
C LEU A 17 -14.56 -21.41 15.46
N ASN A 18 -15.17 -22.19 14.60
CA ASN A 18 -14.55 -23.39 14.18
C ASN A 18 -13.49 -22.93 13.20
N PRO A 19 -12.21 -23.33 13.39
CA PRO A 19 -11.21 -22.81 12.48
C PRO A 19 -11.28 -23.37 11.07
N HIS A 20 -12.04 -24.44 10.90
CA HIS A 20 -11.99 -25.20 9.66
C HIS A 20 -13.27 -25.13 8.82
N LEU A 21 -14.26 -24.35 9.26
CA LEU A 21 -15.49 -24.19 8.51
C LEU A 21 -15.69 -22.75 8.09
N TYR A 22 -16.72 -22.55 7.28
CA TYR A 22 -16.97 -21.26 6.66
C TYR A 22 -18.17 -20.55 7.29
N THR A 23 -18.88 -19.74 6.50
CA THR A 23 -19.98 -18.96 7.07
C THR A 23 -20.89 -19.89 7.93
N PRO A 24 -21.30 -19.44 9.14
CA PRO A 24 -21.29 -18.10 9.69
C PRO A 24 -20.03 -17.67 10.42
N ASN A 25 -18.99 -18.51 10.51
CA ASN A 25 -17.72 -18.07 11.08
C ASN A 25 -17.24 -16.82 10.35
N GLN A 26 -16.81 -15.79 11.06
CA GLN A 26 -16.23 -14.62 10.37
C GLN A 26 -14.70 -14.70 10.34
N MET A 27 -14.11 -14.58 9.14
CA MET A 27 -12.67 -14.82 8.99
C MET A 27 -11.81 -13.96 9.92
N PHE A 28 -12.19 -12.69 10.10
CA PHE A 28 -11.35 -11.82 10.92
C PHE A 28 -11.35 -12.30 12.36
N ALA A 29 -12.45 -12.92 12.78
CA ALA A 29 -12.57 -13.45 14.15
C ALA A 29 -11.77 -14.73 14.28
N GLN A 30 -11.85 -15.58 13.25
CA GLN A 30 -11.04 -16.80 13.18
C GLN A 30 -9.57 -16.45 13.25
N SER A 31 -9.15 -15.38 12.57
CA SER A 31 -7.77 -14.93 12.64
C SER A 31 -7.41 -14.34 13.99
N MET A 32 -8.38 -13.97 14.78
CA MET A 32 -8.00 -13.42 16.07
C MET A 32 -7.67 -14.57 17.00
N VAL A 33 -8.32 -15.72 16.80
CA VAL A 33 -8.12 -16.81 17.74
C VAL A 33 -7.10 -17.82 17.22
N TYR A 34 -7.05 -18.04 15.91
CA TYR A 34 -6.21 -19.10 15.39
C TYR A 34 -5.06 -18.59 14.56
N GLU A 35 -3.93 -19.29 14.65
CA GLU A 35 -2.69 -18.90 13.98
C GLU A 35 -2.23 -19.91 12.90
N PRO A 36 -1.47 -19.44 11.88
CA PRO A 36 -0.91 -20.27 10.82
C PRO A 36 0.54 -20.62 11.10
N LEU A 37 1.06 -21.58 10.33
CA LEU A 37 2.45 -21.97 10.45
C LEU A 37 3.34 -20.82 10.09
N VAL A 38 2.94 -20.10 9.02
CA VAL A 38 3.71 -18.98 8.50
C VAL A 38 2.80 -17.77 8.27
N LYS A 39 3.31 -16.56 8.50
CA LYS A 39 2.47 -15.33 8.52
C LYS A 39 2.70 -14.42 7.33
N TYR A 40 1.62 -14.04 6.66
CA TYR A 40 1.70 -13.18 5.46
C TYR A 40 2.20 -11.74 5.79
N GLN A 41 3.00 -11.15 4.90
CA GLN A 41 3.46 -9.78 5.15
C GLN A 41 2.99 -8.80 4.07
N ALA A 42 3.10 -7.50 4.35
CA ALA A 42 2.60 -6.47 3.40
C ALA A 42 3.28 -6.62 2.09
N ASP A 43 4.51 -7.12 2.10
CA ASP A 43 5.36 -7.09 0.93
C ASP A 43 5.21 -8.32 0.06
N GLY A 44 4.22 -9.14 0.39
CA GLY A 44 3.92 -10.35 -0.39
C GLY A 44 4.63 -11.62 0.06
N SER A 45 5.52 -11.51 1.02
CA SER A 45 6.21 -12.68 1.50
C SER A 45 5.50 -13.25 2.74
N VAL A 46 5.95 -14.42 3.17
CA VAL A 46 5.60 -14.96 4.48
C VAL A 46 6.87 -14.93 5.35
N ILE A 47 6.66 -14.86 6.66
CA ILE A 47 7.75 -14.98 7.61
C ILE A 47 7.47 -16.20 8.54
N PRO A 48 8.45 -16.64 9.29
CA PRO A 48 8.17 -17.67 10.31
C PRO A 48 7.09 -17.25 11.31
N TRP A 49 6.33 -18.23 11.79
CA TRP A 49 5.32 -17.99 12.79
C TRP A 49 5.30 -19.22 13.68
N LEU A 50 4.23 -19.99 13.70
CA LEU A 50 4.23 -21.22 14.48
C LEU A 50 5.37 -22.16 14.06
N ALA A 51 5.67 -22.17 12.77
CA ALA A 51 6.84 -22.85 12.27
C ALA A 51 7.95 -21.82 12.33
N LYS A 52 9.09 -22.18 12.92
CA LYS A 52 10.23 -21.28 12.98
C LYS A 52 11.18 -21.50 11.82
N SER A 53 10.98 -22.58 11.07
CA SER A 53 11.80 -22.84 9.91
C SER A 53 11.26 -24.00 9.09
N TRP A 54 11.66 -24.05 7.83
CA TRP A 54 11.25 -25.14 6.97
C TRP A 54 12.28 -25.43 5.91
N THR A 55 12.25 -26.66 5.41
CA THR A 55 13.04 -27.03 4.24
C THR A 55 12.13 -27.76 3.26
N HIS A 56 12.58 -27.89 2.03
CA HIS A 56 11.76 -28.51 1.01
C HIS A 56 12.66 -29.30 0.10
N SER A 57 12.16 -30.42 -0.38
CA SER A 57 12.94 -31.27 -1.25
C SER A 57 13.25 -30.54 -2.57
N GLU A 58 14.16 -31.13 -3.36
CA GLU A 58 14.47 -30.61 -4.67
C GLU A 58 13.16 -30.67 -5.42
N ASP A 59 12.50 -31.81 -5.29
CA ASP A 59 11.08 -31.96 -5.65
C ASP A 59 10.26 -30.73 -6.17
N GLY A 60 10.07 -29.63 -5.44
CA GLY A 60 9.90 -29.57 -4.01
C GLY A 60 8.42 -29.86 -3.72
N LYS A 61 8.14 -31.16 -3.59
CA LYS A 61 6.86 -31.68 -3.23
C LYS A 61 6.83 -32.10 -1.78
N THR A 62 7.99 -32.17 -1.12
CA THR A 62 8.07 -32.61 0.28
C THR A 62 8.60 -31.48 1.18
N TRP A 63 7.80 -31.09 2.17
CA TRP A 63 8.15 -29.95 3.02
C TRP A 63 8.24 -30.34 4.49
N THR A 64 9.26 -29.81 5.15
CA THR A 64 9.51 -30.14 6.54
C THR A 64 9.66 -28.89 7.35
N PHE A 65 8.70 -28.68 8.25
CA PHE A 65 8.60 -27.51 9.10
C PHE A 65 9.16 -27.85 10.46
N THR A 66 9.97 -26.94 11.00
CA THR A 66 10.47 -27.04 12.36
C THR A 66 9.64 -26.06 13.16
N LEU A 67 8.86 -26.57 14.12
CA LEU A 67 7.96 -25.74 14.91
C LEU A 67 8.58 -25.17 16.20
N ARG A 68 8.04 -24.05 16.65
CA ARG A 68 8.35 -23.56 17.98
C ARG A 68 7.96 -24.58 19.06
N ASP A 69 8.78 -24.61 20.12
CA ASP A 69 8.56 -25.53 21.20
C ASP A 69 8.01 -24.86 22.44
N ASP A 70 7.71 -23.56 22.33
CA ASP A 70 7.26 -22.77 23.46
C ASP A 70 5.79 -22.38 23.36
N VAL A 71 5.06 -22.89 22.37
CA VAL A 71 3.68 -22.45 22.20
C VAL A 71 2.69 -23.33 22.95
N LYS A 72 1.77 -22.67 23.65
CA LYS A 72 0.64 -23.34 24.26
C LYS A 72 -0.67 -22.77 23.75
N PHE A 73 -1.61 -23.66 23.47
CA PHE A 73 -3.00 -23.28 23.28
C PHE A 73 -3.44 -22.51 24.52
N SER A 74 -4.43 -21.64 24.37
CA SER A 74 -4.85 -20.77 25.48
C SER A 74 -5.33 -21.57 26.71
N ASN A 75 -5.66 -22.85 26.51
CA ASN A 75 -6.02 -23.71 27.65
C ASN A 75 -4.83 -24.47 28.26
N GLY A 76 -3.61 -24.08 27.94
CA GLY A 76 -2.46 -24.76 28.58
C GLY A 76 -1.93 -26.02 27.89
N GLU A 77 -2.68 -26.54 26.93
CA GLU A 77 -2.22 -27.70 26.19
C GLU A 77 -1.20 -27.25 25.17
N PRO A 78 -0.18 -28.08 24.97
CA PRO A 78 0.88 -27.75 24.03
C PRO A 78 0.42 -27.76 22.58
N PHE A 79 0.92 -26.80 21.82
CA PHE A 79 1.05 -26.89 20.39
C PHE A 79 2.36 -27.63 20.06
N ASP A 80 2.25 -28.68 19.27
CA ASP A 80 3.42 -29.42 18.82
C ASP A 80 3.05 -30.01 17.47
N ALA A 81 3.90 -30.88 16.91
CA ALA A 81 3.63 -31.35 15.52
C ALA A 81 2.51 -32.37 15.41
N GLU A 82 2.23 -33.07 16.51
CA GLU A 82 1.07 -33.95 16.64
C GLU A 82 -0.20 -33.13 16.47
N ALA A 83 -0.31 -32.07 17.26
CA ALA A 83 -1.50 -31.24 17.20
C ALA A 83 -1.69 -30.66 15.79
N ALA A 84 -0.60 -30.16 15.23
CA ALA A 84 -0.63 -29.57 13.90
C ALA A 84 -1.17 -30.60 12.94
N ALA A 85 -0.52 -31.77 12.86
CA ALA A 85 -0.94 -32.84 11.94
C ALA A 85 -2.40 -33.31 12.14
N GLU A 86 -2.86 -33.33 13.40
CA GLU A 86 -4.22 -33.67 13.75
C GLU A 86 -5.17 -32.67 13.13
N ASN A 87 -4.76 -31.40 13.16
CA ASN A 87 -5.55 -30.31 12.54
C ASN A 87 -5.68 -30.46 11.03
N PHE A 88 -4.56 -30.71 10.35
CA PHE A 88 -4.54 -30.92 8.90
C PHE A 88 -5.39 -32.12 8.55
N ARG A 89 -5.32 -33.19 9.35
CA ARG A 89 -6.17 -34.35 9.08
C ARG A 89 -7.65 -33.96 9.17
N ALA A 90 -8.01 -33.20 10.19
CA ALA A 90 -9.38 -32.81 10.44
C ALA A 90 -9.92 -31.93 9.32
N VAL A 91 -9.08 -31.04 8.81
CA VAL A 91 -9.44 -30.27 7.66
C VAL A 91 -9.63 -31.21 6.45
N LEU A 92 -8.65 -32.06 6.19
CA LEU A 92 -8.72 -32.88 4.97
C LEU A 92 -9.74 -34.03 5.02
N ASP A 93 -10.32 -34.34 6.19
CA ASP A 93 -11.45 -35.28 6.21
C ASP A 93 -12.66 -34.54 5.66
N ASN A 94 -12.50 -33.25 5.41
CA ASN A 94 -13.61 -32.48 4.82
C ASN A 94 -13.18 -31.94 3.46
N ARG A 95 -12.17 -32.57 2.88
CA ARG A 95 -11.55 -32.09 1.61
C ARG A 95 -12.52 -31.45 0.62
N GLN A 96 -13.63 -32.13 0.33
CA GLN A 96 -14.55 -31.60 -0.72
C GLN A 96 -14.88 -30.16 -0.44
N ARG A 97 -15.05 -29.83 0.83
CA ARG A 97 -15.63 -28.56 1.18
C ARG A 97 -14.66 -27.42 0.84
N HIS A 98 -13.38 -27.78 0.79
CA HIS A 98 -12.26 -26.84 0.53
C HIS A 98 -11.81 -26.86 -0.92
N ALA A 99 -12.70 -27.30 -1.80
CA ALA A 99 -12.38 -27.42 -3.21
C ALA A 99 -11.83 -26.12 -3.86
N TRP A 100 -12.25 -24.97 -3.36
CA TRP A 100 -11.89 -23.68 -3.98
C TRP A 100 -10.45 -23.36 -3.72
N LEU A 101 -9.92 -23.92 -2.64
CA LEU A 101 -8.53 -23.64 -2.30
C LEU A 101 -7.63 -24.77 -2.79
N GLU A 102 -6.83 -24.48 -3.78
CA GLU A 102 -6.10 -25.54 -4.49
C GLU A 102 -5.10 -26.34 -3.62
N LEU A 103 -4.53 -25.71 -2.59
CA LEU A 103 -3.69 -26.40 -1.58
C LEU A 103 -4.35 -27.62 -0.98
N ALA A 104 -5.67 -27.59 -0.83
CA ALA A 104 -6.46 -28.71 -0.28
C ALA A 104 -6.47 -29.92 -1.19
N ASN A 105 -6.20 -29.70 -2.49
CA ASN A 105 -6.21 -30.79 -3.43
C ASN A 105 -4.77 -31.23 -3.64
N GLN A 106 -3.85 -30.37 -3.24
CA GLN A 106 -2.44 -30.62 -3.41
C GLN A 106 -1.91 -31.44 -2.27
N ILE A 107 -2.41 -31.20 -1.07
CA ILE A 107 -1.93 -31.96 0.06
C ILE A 107 -2.22 -33.48 -0.08
N VAL A 108 -1.13 -34.25 -0.06
CA VAL A 108 -1.14 -35.67 -0.27
C VAL A 108 -1.04 -36.42 1.05
N ASP A 109 -0.25 -35.90 1.98
CA ASP A 109 -0.01 -36.54 3.28
C ASP A 109 0.48 -35.47 4.24
N VAL A 110 0.21 -35.63 5.55
CA VAL A 110 0.73 -34.74 6.56
C VAL A 110 1.09 -35.60 7.78
N LYS A 111 2.30 -35.44 8.30
CA LYS A 111 2.79 -36.38 9.29
C LYS A 111 3.77 -35.74 10.26
N ALA A 112 3.57 -36.02 11.56
CA ALA A 112 4.43 -35.51 12.63
C ALA A 112 5.66 -36.41 12.71
N LEU A 113 6.83 -35.87 12.44
CA LEU A 113 8.03 -36.71 12.54
C LEU A 113 8.52 -36.76 13.94
N SER A 114 8.22 -35.71 14.70
CA SER A 114 8.64 -35.60 16.07
C SER A 114 7.79 -34.46 16.64
N LYS A 115 8.03 -34.06 17.89
CA LYS A 115 7.25 -32.97 18.49
C LYS A 115 7.47 -31.64 17.74
N THR A 116 8.64 -31.50 17.12
CA THR A 116 9.06 -30.25 16.54
C THR A 116 9.23 -30.29 15.00
N GLU A 117 9.00 -31.46 14.39
CA GLU A 117 9.11 -31.59 12.94
C GLU A 117 7.80 -32.05 12.33
N LEU A 118 7.24 -31.22 11.45
CA LEU A 118 6.03 -31.53 10.69
C LEU A 118 6.33 -31.60 9.18
N GLN A 119 6.10 -32.79 8.60
CA GLN A 119 6.27 -33.04 7.18
C GLN A 119 4.92 -33.06 6.42
N ILE A 120 4.90 -32.29 5.33
CA ILE A 120 3.74 -32.16 4.49
C ILE A 120 4.19 -32.47 3.06
N THR A 121 3.53 -33.41 2.40
CA THR A 121 3.94 -33.78 1.08
C THR A 121 2.80 -33.46 0.09
N LEU A 122 3.16 -33.05 -1.12
CA LEU A 122 2.25 -32.44 -2.09
C LEU A 122 2.25 -33.18 -3.42
N LYS A 123 1.11 -33.14 -4.09
CA LYS A 123 0.94 -33.72 -5.45
C LYS A 123 1.89 -33.10 -6.44
N SER A 124 2.20 -31.80 -6.26
CA SER A 124 3.01 -31.07 -7.22
C SER A 124 3.83 -29.95 -6.57
N ALA A 125 4.78 -29.40 -7.32
CA ALA A 125 5.58 -28.28 -6.82
C ALA A 125 4.73 -27.03 -6.84
N TYR A 126 3.77 -26.99 -5.92
CA TYR A 126 2.71 -25.98 -5.89
C TYR A 126 3.24 -24.65 -5.34
N TYR A 127 3.51 -23.70 -6.25
CA TYR A 127 4.21 -22.45 -5.86
C TYR A 127 3.55 -21.66 -4.73
N PRO A 128 2.20 -21.51 -4.73
CA PRO A 128 1.60 -20.64 -3.72
C PRO A 128 1.42 -21.27 -2.36
N PHE A 129 2.14 -22.36 -2.09
CA PHE A 129 1.94 -23.22 -0.92
C PHE A 129 1.84 -22.50 0.43
N LEU A 130 2.89 -21.74 0.71
CA LEU A 130 3.04 -21.01 1.95
C LEU A 130 2.03 -19.88 2.11
N GLN A 131 1.74 -19.15 1.03
CA GLN A 131 0.74 -18.09 1.09
C GLN A 131 -0.59 -18.69 1.46
N GLU A 132 -0.92 -19.84 0.90
CA GLU A 132 -2.21 -20.48 1.21
C GLU A 132 -2.26 -21.02 2.65
N LEU A 133 -1.15 -21.55 3.14
CA LEU A 133 -1.01 -21.81 4.58
C LEU A 133 -1.17 -20.55 5.48
N ALA A 134 -0.92 -19.36 4.95
CA ALA A 134 -1.02 -18.15 5.80
C ALA A 134 -2.44 -17.63 5.95
N LEU A 135 -3.39 -18.24 5.26
CA LEU A 135 -4.76 -17.72 5.17
C LEU A 135 -5.54 -17.85 6.48
N PRO A 136 -6.56 -16.98 6.69
CA PRO A 136 -7.34 -17.14 7.92
C PRO A 136 -7.81 -18.57 8.10
N ARG A 137 -8.28 -19.19 7.02
CA ARG A 137 -8.85 -20.55 7.04
C ARG A 137 -8.56 -21.32 5.76
N PRO A 138 -8.39 -22.65 5.86
CA PRO A 138 -8.68 -23.42 7.03
C PRO A 138 -7.44 -23.95 7.74
N PHE A 139 -6.27 -23.63 7.26
CA PHE A 139 -5.10 -24.28 7.82
C PHE A 139 -4.55 -23.65 9.11
N ARG A 140 -5.40 -23.49 10.11
CA ARG A 140 -4.97 -22.93 11.40
C ARG A 140 -5.44 -23.87 12.52
N PHE A 141 -5.02 -23.63 13.77
CA PHE A 141 -4.99 -24.71 14.77
C PHE A 141 -5.83 -24.61 16.05
N ILE A 142 -6.76 -25.56 16.22
CA ILE A 142 -7.57 -25.61 17.43
C ILE A 142 -6.91 -26.71 18.25
N ALA A 143 -6.99 -26.59 19.58
CA ALA A 143 -6.52 -27.65 20.46
C ALA A 143 -7.27 -28.91 20.07
N PRO A 144 -6.52 -29.99 19.75
CA PRO A 144 -7.14 -31.24 19.34
C PRO A 144 -8.15 -31.73 20.35
N SER A 145 -7.87 -31.43 21.62
CA SER A 145 -8.72 -31.87 22.71
C SER A 145 -10.10 -31.32 22.58
N GLN A 146 -10.27 -30.29 21.76
CA GLN A 146 -11.58 -29.67 21.49
C GLN A 146 -12.27 -30.16 20.20
N PHE A 147 -11.64 -31.11 19.51
CA PHE A 147 -12.35 -31.86 18.45
C PHE A 147 -13.62 -32.56 19.02
N LYS A 148 -14.69 -32.61 18.22
CA LYS A 148 -15.81 -33.53 18.49
C LYS A 148 -15.59 -34.91 17.83
N ASN A 149 -15.47 -35.94 18.66
CA ASN A 149 -15.13 -37.31 18.21
C ASN A 149 -14.01 -37.34 17.17
N HIS A 150 -12.97 -36.56 17.39
CA HIS A 150 -11.71 -36.64 16.62
C HIS A 150 -11.82 -35.98 15.23
N GLU A 151 -12.90 -35.24 15.07
CA GLU A 151 -13.15 -34.46 13.88
C GLU A 151 -13.48 -32.99 14.29
N THR A 152 -13.34 -32.08 13.32
CA THR A 152 -13.84 -30.70 13.44
C THR A 152 -15.02 -30.46 12.50
N MET A 153 -15.14 -31.29 11.47
CA MET A 153 -16.07 -30.97 10.40
C MET A 153 -17.54 -30.94 10.87
N ASN A 154 -17.82 -31.64 11.97
CA ASN A 154 -19.17 -31.74 12.54
C ASN A 154 -19.30 -30.94 13.85
N GLY A 155 -18.45 -29.94 14.02
CA GLY A 155 -18.50 -29.08 15.18
C GLY A 155 -17.30 -29.23 16.09
N ILE A 156 -17.07 -28.19 16.89
CA ILE A 156 -16.00 -28.19 17.84
C ILE A 156 -16.60 -27.92 19.22
N LYS A 157 -15.81 -28.13 20.29
CA LYS A 157 -16.26 -27.85 21.66
C LYS A 157 -15.94 -26.40 22.00
N ALA A 158 -14.85 -26.16 22.72
CA ALA A 158 -14.38 -24.79 22.93
C ALA A 158 -13.39 -24.29 21.81
N PRO A 159 -13.50 -23.00 21.42
CA PRO A 159 -12.75 -22.55 20.28
C PRO A 159 -11.40 -22.05 20.74
N ILE A 160 -10.56 -23.01 21.14
CA ILE A 160 -9.29 -22.75 21.79
C ILE A 160 -8.16 -22.64 20.74
N GLY A 161 -7.62 -21.45 20.57
CA GLY A 161 -6.52 -21.26 19.65
C GLY A 161 -5.23 -21.01 20.39
N THR A 162 -4.19 -20.70 19.64
CA THR A 162 -2.93 -20.25 20.22
C THR A 162 -2.84 -18.75 20.11
N GLY A 163 -3.90 -18.16 19.53
CA GLY A 163 -3.93 -16.74 19.14
C GLY A 163 -3.84 -15.68 20.24
N PRO A 164 -3.53 -14.44 19.85
CA PRO A 164 -3.41 -13.39 20.85
C PRO A 164 -4.74 -12.99 21.50
N TRP A 165 -5.87 -13.46 20.94
CA TRP A 165 -7.21 -13.20 21.57
C TRP A 165 -7.93 -14.49 21.94
N ILE A 166 -8.77 -14.42 22.99
CA ILE A 166 -9.63 -15.55 23.42
C ILE A 166 -11.09 -15.12 23.44
N LEU A 167 -11.99 -15.96 22.93
CA LEU A 167 -13.42 -15.66 22.93
C LEU A 167 -13.98 -15.75 24.33
N GLN A 168 -14.22 -14.62 24.97
CA GLN A 168 -14.80 -14.68 26.30
C GLN A 168 -16.28 -15.12 26.29
N GLU A 169 -17.12 -14.43 25.55
CA GLU A 169 -18.57 -14.60 25.62
C GLU A 169 -19.21 -14.21 24.29
N SER A 170 -20.36 -14.81 24.00
CA SER A 170 -21.00 -14.65 22.71
C SER A 170 -22.51 -14.72 22.92
N LYS A 171 -23.19 -13.60 22.63
CA LYS A 171 -24.65 -13.47 22.76
C LYS A 171 -25.23 -13.28 21.38
N LEU A 172 -25.88 -14.33 20.91
CA LEU A 172 -26.40 -14.41 19.58
C LEU A 172 -27.29 -13.19 19.31
N ASN A 173 -26.99 -12.50 18.20
CA ASN A 173 -27.71 -11.27 17.80
C ASN A 173 -27.47 -10.02 18.70
N GLN A 174 -26.54 -10.10 19.65
CA GLN A 174 -26.24 -8.94 20.48
C GLN A 174 -24.80 -8.50 20.49
N TYR A 175 -23.88 -9.41 20.85
CA TYR A 175 -22.46 -9.09 20.92
C TYR A 175 -21.58 -10.33 20.95
N ASP A 176 -20.29 -10.09 20.77
CA ASP A 176 -19.25 -11.06 21.07
C ASP A 176 -18.16 -10.30 21.82
N VAL A 177 -17.63 -10.88 22.89
CA VAL A 177 -16.59 -10.23 23.70
C VAL A 177 -15.36 -11.07 23.63
N PHE A 178 -14.25 -10.43 23.28
CA PHE A 178 -12.96 -11.06 23.28
C PHE A 178 -12.12 -10.40 24.34
N VAL A 179 -11.03 -11.09 24.66
CA VAL A 179 -10.17 -10.77 25.76
C VAL A 179 -8.75 -11.17 25.33
N ARG A 180 -7.77 -10.41 25.75
CA ARG A 180 -6.38 -10.69 25.41
C ARG A 180 -5.92 -12.01 26.05
N ASN A 181 -5.20 -12.82 25.28
CA ASN A 181 -4.59 -14.01 25.79
C ASN A 181 -3.36 -13.68 26.67
N GLU A 182 -3.51 -13.77 27.98
CA GLU A 182 -2.42 -13.43 28.91
C GLU A 182 -1.23 -14.36 28.85
N ASN A 183 -1.40 -15.49 28.17
CA ASN A 183 -0.33 -16.46 27.99
C ASN A 183 0.05 -16.65 26.56
N TYR A 184 -0.18 -15.64 25.72
CA TYR A 184 0.28 -15.68 24.32
C TYR A 184 1.79 -15.92 24.25
N TRP A 185 2.26 -16.62 23.20
CA TRP A 185 3.71 -16.86 23.04
C TRP A 185 4.40 -15.59 22.55
N GLY A 186 3.67 -14.73 21.85
CA GLY A 186 4.25 -13.54 21.26
C GLY A 186 3.95 -12.25 22.02
N GLU A 187 4.07 -11.11 21.32
CA GLU A 187 3.88 -9.78 21.92
C GLU A 187 2.48 -9.67 22.52
N LYS A 188 2.38 -9.17 23.75
CA LYS A 188 1.08 -8.92 24.33
C LYS A 188 0.41 -7.66 23.71
N PRO A 189 -0.85 -7.81 23.24
CA PRO A 189 -1.66 -6.71 22.80
C PRO A 189 -1.80 -5.62 23.88
N ALA A 190 -1.83 -4.36 23.47
CA ALA A 190 -2.15 -3.27 24.40
C ALA A 190 -3.62 -3.27 24.83
N ILE A 191 -4.53 -3.58 23.92
CA ILE A 191 -5.96 -3.70 24.30
C ILE A 191 -6.16 -5.00 25.08
N LYS A 192 -6.96 -4.92 26.11
CA LYS A 192 -7.20 -6.06 26.99
C LYS A 192 -8.57 -6.69 26.62
N LYS A 193 -9.52 -5.87 26.16
CA LYS A 193 -10.88 -6.33 25.95
C LYS A 193 -11.46 -5.67 24.72
N ILE A 194 -12.12 -6.45 23.85
CA ILE A 194 -12.80 -5.92 22.69
C ILE A 194 -14.21 -6.46 22.63
N THR A 195 -15.19 -5.56 22.60
CA THR A 195 -16.60 -5.88 22.55
C THR A 195 -17.14 -5.54 21.17
N PHE A 196 -17.74 -6.53 20.52
CA PHE A 196 -18.32 -6.40 19.21
C PHE A 196 -19.81 -6.35 19.33
N ASN A 197 -20.40 -5.20 18.99
CA ASN A 197 -21.85 -5.06 18.97
C ASN A 197 -22.38 -5.50 17.62
N VAL A 198 -23.39 -6.36 17.65
CA VAL A 198 -24.05 -6.80 16.42
C VAL A 198 -25.02 -5.70 15.89
N ILE A 199 -24.60 -5.03 14.80
CA ILE A 199 -25.39 -3.98 14.15
C ILE A 199 -25.35 -4.17 12.63
N PRO A 200 -26.38 -4.76 12.04
CA PRO A 200 -26.35 -5.06 10.61
C PRO A 200 -26.59 -3.87 9.66
N ASP A 201 -27.34 -2.87 10.14
CA ASP A 201 -27.64 -1.70 9.29
C ASP A 201 -26.47 -0.69 9.25
N PRO A 202 -26.00 -0.31 8.03
CA PRO A 202 -24.90 0.66 7.92
C PRO A 202 -25.19 1.96 8.64
N THR A 203 -26.40 2.48 8.49
CA THR A 203 -26.62 3.81 9.07
C THR A 203 -26.77 3.67 10.59
N THR A 204 -27.35 2.57 11.06
CA THR A 204 -27.37 2.29 12.50
C THR A 204 -25.94 2.16 13.04
N ARG A 205 -25.00 1.66 12.27
CA ARG A 205 -23.59 1.64 12.75
C ARG A 205 -23.07 3.07 12.96
N ALA A 206 -23.23 3.89 11.91
CA ALA A 206 -22.87 5.32 11.96
C ALA A 206 -23.48 6.02 13.18
N VAL A 207 -24.77 5.79 13.43
CA VAL A 207 -25.41 6.35 14.61
C VAL A 207 -24.71 5.85 15.88
N ALA A 208 -24.48 4.54 15.98
CA ALA A 208 -23.93 4.03 17.25
C ALA A 208 -22.58 4.68 17.51
N PHE A 209 -21.80 4.92 16.45
CA PHE A 209 -20.56 5.69 16.58
C PHE A 209 -20.78 7.14 17.07
N GLU A 210 -21.70 7.86 16.45
CA GLU A 210 -21.92 9.27 16.75
C GLU A 210 -22.38 9.46 18.20
N THR A 211 -23.30 8.61 18.66
CA THR A 211 -23.80 8.68 20.03
C THR A 211 -22.69 8.34 21.04
N GLY A 212 -21.63 7.69 20.59
CA GLY A 212 -20.55 7.28 21.49
C GLY A 212 -20.65 5.84 21.98
N ASP A 213 -21.71 5.13 21.59
CA ASP A 213 -21.94 3.75 21.97
C ASP A 213 -20.77 2.81 21.58
N ILE A 214 -20.05 3.13 20.51
CA ILE A 214 -18.92 2.32 20.03
C ILE A 214 -17.71 3.23 19.69
N ASP A 215 -16.50 2.67 19.74
CA ASP A 215 -15.24 3.44 19.61
C ASP A 215 -14.61 3.30 18.21
N LEU A 216 -14.94 2.21 17.52
CA LEU A 216 -14.24 1.79 16.29
C LEU A 216 -15.19 1.17 15.27
N LEU A 217 -15.07 1.61 14.02
CA LEU A 217 -15.59 0.91 12.85
C LEU A 217 -14.45 0.71 11.85
N TYR A 218 -14.41 -0.47 11.27
CA TYR A 218 -13.32 -0.85 10.40
C TYR A 218 -13.99 -1.78 9.38
N GLY A 219 -13.90 -1.43 8.11
CA GLY A 219 -14.51 -2.26 7.12
C GLY A 219 -14.21 -1.78 5.72
N ASN A 220 -14.93 -2.34 4.74
CA ASN A 220 -14.81 -1.92 3.38
C ASN A 220 -15.82 -0.82 3.11
N GLU A 221 -16.16 -0.63 1.84
CA GLU A 221 -16.96 0.53 1.43
C GLU A 221 -18.37 0.53 1.99
N GLY A 222 -18.82 -0.64 2.46
CA GLY A 222 -20.13 -0.76 3.11
C GLY A 222 -20.14 -0.60 4.63
N LEU A 223 -19.03 -0.15 5.20
CA LEU A 223 -18.94 0.05 6.65
C LEU A 223 -20.01 1.00 7.20
N LEU A 224 -20.20 2.13 6.52
CA LEU A 224 -21.21 3.09 6.89
C LEU A 224 -21.53 3.92 5.64
N PRO A 225 -22.62 4.72 5.67
CA PRO A 225 -22.90 5.58 4.51
C PRO A 225 -21.71 6.52 4.21
N LEU A 226 -21.32 6.61 2.94
CA LEU A 226 -20.13 7.29 2.57
C LEU A 226 -20.25 8.81 2.73
N ASP A 227 -21.47 9.33 2.55
CA ASP A 227 -21.73 10.72 2.91
C ASP A 227 -21.48 11.00 4.42
N THR A 228 -21.98 10.12 5.29
CA THR A 228 -21.71 10.28 6.71
C THR A 228 -20.21 10.15 6.90
N PHE A 229 -19.59 9.16 6.27
CA PHE A 229 -18.15 9.03 6.39
C PHE A 229 -17.41 10.33 6.07
N ALA A 230 -17.82 11.01 5.01
CA ALA A 230 -17.19 12.25 4.63
C ALA A 230 -17.42 13.33 5.67
N ARG A 231 -18.66 13.55 6.08
CA ARG A 231 -18.92 14.45 7.20
CA ARG A 231 -18.93 14.45 7.20
C ARG A 231 -18.00 14.15 8.38
N PHE A 232 -17.84 12.89 8.77
CA PHE A 232 -16.90 12.53 9.88
C PHE A 232 -15.45 12.98 9.60
N SER A 233 -14.93 12.75 8.39
CA SER A 233 -13.56 13.13 8.12
C SER A 233 -13.21 14.61 8.41
N GLN A 234 -14.25 15.42 8.58
CA GLN A 234 -14.07 16.86 8.71
C GLN A 234 -14.26 17.35 10.12
N ASN A 235 -14.73 16.45 10.98
CA ASN A 235 -15.06 16.78 12.34
C ASN A 235 -13.95 16.30 13.26
N PRO A 236 -13.19 17.26 13.86
CA PRO A 236 -12.04 16.96 14.76
C PRO A 236 -12.47 16.20 16.02
N ALA A 237 -13.78 16.15 16.30
CA ALA A 237 -14.26 15.28 17.37
C ALA A 237 -14.02 13.78 17.06
N TYR A 238 -13.97 13.43 15.77
CA TYR A 238 -13.81 12.05 15.29
C TYR A 238 -12.46 11.87 14.66
N HIS A 239 -12.13 10.62 14.29
CA HIS A 239 -10.95 10.26 13.48
C HIS A 239 -11.40 9.30 12.42
N THR A 240 -10.92 9.50 11.20
CA THR A 240 -11.27 8.65 10.06
C THR A 240 -10.03 8.34 9.25
N GLN A 241 -10.07 7.24 8.50
CA GLN A 241 -8.96 6.87 7.61
C GLN A 241 -9.56 6.18 6.37
N LEU A 242 -8.90 6.34 5.23
CA LEU A 242 -9.25 5.57 4.05
C LEU A 242 -7.94 5.01 3.53
N SER A 243 -7.82 3.70 3.40
CA SER A 243 -6.59 3.09 2.97
C SER A 243 -6.45 3.20 1.47
N GLN A 244 -5.32 2.74 0.96
CA GLN A 244 -5.11 2.56 -0.46
C GLN A 244 -5.92 1.35 -0.92
N PRO A 245 -6.20 1.25 -2.21
CA PRO A 245 -7.17 0.19 -2.60
C PRO A 245 -6.74 -1.22 -2.25
N ILE A 246 -7.69 -2.05 -1.87
CA ILE A 246 -7.35 -3.41 -1.49
C ILE A 246 -7.80 -4.48 -2.46
N GLU A 247 -8.87 -4.22 -3.22
CA GLU A 247 -9.42 -5.23 -4.14
C GLU A 247 -10.35 -4.55 -5.18
N THR A 248 -10.82 -5.32 -6.16
CA THR A 248 -11.67 -4.79 -7.25
C THR A 248 -13.18 -5.09 -7.02
N VAL A 249 -14.07 -4.12 -7.29
CA VAL A 249 -15.51 -4.39 -7.43
C VAL A 249 -15.86 -4.27 -8.92
N MET A 250 -16.62 -5.22 -9.46
CA MET A 250 -16.89 -5.33 -10.90
C MET A 250 -18.20 -6.08 -11.13
N LEU A 251 -18.73 -6.03 -12.34
CA LEU A 251 -19.87 -6.87 -12.70
C LEU A 251 -19.24 -8.09 -13.33
N ALA A 252 -19.93 -9.21 -13.37
CA ALA A 252 -19.47 -10.35 -14.17
C ALA A 252 -20.52 -10.49 -15.21
N LEU A 253 -20.12 -10.66 -16.47
CA LEU A 253 -21.09 -10.73 -17.54
C LEU A 253 -21.15 -12.18 -17.98
N ASN A 254 -22.34 -12.67 -18.27
CA ASN A 254 -22.51 -14.08 -18.59
C ASN A 254 -22.21 -14.34 -20.06
N THR A 255 -20.99 -14.78 -20.37
CA THR A 255 -20.66 -15.16 -21.76
C THR A 255 -21.44 -16.35 -22.35
N ALA A 256 -22.27 -16.99 -21.55
CA ALA A 256 -23.06 -18.11 -22.06
C ALA A 256 -24.56 -17.80 -22.16
N LYS A 257 -24.96 -16.57 -21.84
CA LYS A 257 -26.37 -16.24 -21.85
C LYS A 257 -26.64 -15.02 -22.73
N ALA A 258 -27.65 -15.14 -23.61
CA ALA A 258 -28.07 -14.05 -24.48
C ALA A 258 -28.56 -12.86 -23.65
N PRO A 259 -28.20 -11.61 -24.02
CA PRO A 259 -27.41 -11.22 -25.18
C PRO A 259 -25.93 -11.03 -24.83
N THR A 260 -25.56 -11.32 -23.58
CA THR A 260 -24.20 -11.11 -23.08
C THR A 260 -23.24 -12.18 -23.61
N ASN A 261 -23.81 -13.18 -24.30
CA ASN A 261 -22.98 -14.15 -24.98
C ASN A 261 -22.20 -13.50 -26.12
N GLU A 262 -22.62 -12.30 -26.53
CA GLU A 262 -22.00 -11.59 -27.64
C GLU A 262 -20.84 -10.71 -27.19
N LEU A 263 -19.66 -11.02 -27.70
CA LEU A 263 -18.49 -10.20 -27.49
C LEU A 263 -18.83 -8.73 -27.73
N ALA A 264 -19.46 -8.45 -28.87
CA ALA A 264 -19.71 -7.06 -29.23
C ALA A 264 -20.58 -6.37 -28.19
N VAL A 265 -21.63 -7.01 -27.76
CA VAL A 265 -22.41 -6.51 -26.64
C VAL A 265 -21.58 -6.21 -25.37
N ARG A 266 -20.74 -7.16 -24.96
CA ARG A 266 -19.89 -7.01 -23.76
C ARG A 266 -18.86 -5.87 -23.89
N GLU A 267 -18.42 -5.62 -25.12
CA GLU A 267 -17.49 -4.54 -25.37
C GLU A 267 -18.21 -3.21 -25.19
N ALA A 268 -19.37 -3.07 -25.81
CA ALA A 268 -20.23 -1.89 -25.58
C ALA A 268 -20.53 -1.65 -24.11
N LEU A 269 -20.89 -2.71 -23.38
CA LEU A 269 -21.20 -2.52 -21.96
C LEU A 269 -19.98 -1.92 -21.27
N ASN A 270 -18.78 -2.36 -21.64
CA ASN A 270 -17.55 -1.82 -21.05
C ASN A 270 -17.26 -0.38 -21.46
N TYR A 271 -18.02 0.17 -22.41
CA TYR A 271 -17.89 1.58 -22.78
C TYR A 271 -19.02 2.49 -22.24
N ALA A 272 -20.06 1.86 -21.70
CA ALA A 272 -21.32 2.54 -21.35
C ALA A 272 -21.36 3.22 -20.00
N VAL A 273 -20.62 2.72 -19.02
CA VAL A 273 -20.79 3.25 -17.69
C VAL A 273 -19.81 4.39 -17.44
N ASN A 274 -20.32 5.57 -17.05
CA ASN A 274 -19.40 6.60 -16.53
C ASN A 274 -18.94 6.25 -15.10
N LYS A 275 -17.77 5.63 -15.00
CA LYS A 275 -17.28 5.11 -13.74
C LYS A 275 -16.96 6.16 -12.68
N LYS A 276 -16.35 7.25 -13.09
CA LYS A 276 -15.98 8.30 -12.19
C LYS A 276 -17.25 8.94 -11.62
N SER A 277 -18.22 9.15 -12.49
CA SER A 277 -19.47 9.69 -12.00
C SER A 277 -20.25 8.73 -11.12
N LEU A 278 -20.14 7.44 -11.38
CA LEU A 278 -20.80 6.47 -10.53
C LEU A 278 -20.18 6.55 -9.13
N ILE A 279 -18.85 6.62 -9.05
CA ILE A 279 -18.15 6.78 -7.80
C ILE A 279 -18.48 8.10 -7.11
N ASP A 280 -18.57 9.16 -7.90
CA ASP A 280 -18.85 10.48 -7.32
C ASP A 280 -20.30 10.58 -6.86
N ASN A 281 -21.15 9.80 -7.49
CA ASN A 281 -22.60 9.85 -7.29
C ASN A 281 -23.11 8.85 -6.26
N ALA A 282 -22.59 7.62 -6.28
CA ALA A 282 -23.05 6.56 -5.36
C ALA A 282 -22.06 6.33 -4.23
N LEU A 283 -20.79 6.64 -4.45
CA LEU A 283 -19.77 6.32 -3.46
C LEU A 283 -19.10 7.60 -2.89
N TYR A 284 -19.83 8.70 -2.96
CA TYR A 284 -19.38 10.01 -2.43
C TYR A 284 -17.93 10.38 -2.72
N GLY A 285 -17.43 10.03 -3.90
CA GLY A 285 -16.07 10.38 -4.31
C GLY A 285 -14.92 9.68 -3.61
N THR A 286 -15.21 8.62 -2.83
CA THR A 286 -14.24 8.02 -1.92
C THR A 286 -13.49 6.81 -2.43
N GLN A 287 -13.83 6.33 -3.61
CA GLN A 287 -13.19 5.15 -4.17
C GLN A 287 -12.52 5.52 -5.47
N GLN A 288 -11.86 4.55 -6.09
CA GLN A 288 -11.08 4.75 -7.32
C GLN A 288 -11.70 3.98 -8.47
N VAL A 289 -11.55 4.50 -9.69
CA VAL A 289 -11.99 3.86 -10.94
C VAL A 289 -11.13 2.63 -11.26
N ALA A 290 -11.78 1.58 -11.76
CA ALA A 290 -11.13 0.34 -12.17
C ALA A 290 -11.35 0.12 -13.65
N ASP A 291 -10.29 -0.20 -14.39
CA ASP A 291 -10.36 -0.34 -15.82
C ASP A 291 -10.12 -1.77 -16.21
N THR A 292 -9.46 -2.52 -15.32
CA THR A 292 -9.04 -3.91 -15.55
C THR A 292 -9.43 -4.75 -14.34
N LEU A 293 -9.53 -6.08 -14.54
CA LEU A 293 -9.85 -7.02 -13.44
C LEU A 293 -9.01 -6.85 -12.18
N PHE A 294 -7.70 -6.75 -12.31
CA PHE A 294 -6.84 -6.43 -11.21
C PHE A 294 -6.17 -5.08 -11.47
N ALA A 295 -6.06 -4.24 -10.45
CA ALA A 295 -5.30 -2.99 -10.52
C ALA A 295 -3.91 -3.29 -11.00
N PRO A 296 -3.26 -2.36 -11.70
CA PRO A 296 -1.91 -2.66 -12.22
C PRO A 296 -0.91 -2.88 -11.09
N SER A 297 -1.31 -2.61 -9.84
CA SER A 297 -0.42 -2.77 -8.70
C SER A 297 -0.38 -4.19 -8.13
N VAL A 298 -1.37 -5.02 -8.49
CA VAL A 298 -1.47 -6.40 -8.07
C VAL A 298 -0.31 -7.18 -8.70
N PRO A 299 0.24 -8.16 -7.96
CA PRO A 299 1.35 -8.94 -8.56
C PRO A 299 0.96 -9.58 -9.89
N TYR A 300 1.89 -9.59 -10.84
CA TYR A 300 1.76 -10.17 -12.19
C TYR A 300 0.74 -9.46 -13.07
N ALA A 301 0.20 -8.33 -12.60
CA ALA A 301 -0.97 -7.76 -13.29
C ALA A 301 -0.69 -6.46 -14.02
N ASN A 302 0.59 -6.09 -14.09
CA ASN A 302 0.93 -4.89 -14.78
C ASN A 302 1.21 -5.17 -16.23
N LEU A 303 0.15 -5.28 -17.03
CA LEU A 303 0.24 -5.79 -18.40
C LEU A 303 0.05 -4.78 -19.55
N GLY A 304 -0.12 -3.50 -19.20
CA GLY A 304 -0.47 -2.50 -20.16
C GLY A 304 -1.76 -2.79 -20.90
N LEU A 305 -2.72 -3.42 -20.21
CA LEU A 305 -4.05 -3.63 -20.79
C LEU A 305 -4.81 -2.31 -21.15
N LYS A 306 -5.51 -2.32 -22.27
CA LYS A 306 -6.17 -1.13 -22.79
C LYS A 306 -7.49 -0.83 -22.04
N PRO A 307 -7.55 0.27 -21.29
CA PRO A 307 -8.84 0.65 -20.67
C PRO A 307 -9.92 0.89 -21.71
N SER A 308 -11.16 0.60 -21.37
CA SER A 308 -12.28 1.10 -22.11
C SER A 308 -12.81 2.32 -21.35
N GLN A 309 -12.48 3.52 -21.79
CA GLN A 309 -13.03 4.74 -21.25
C GLN A 309 -14.52 4.88 -21.48
N TYR A 310 -15.16 5.72 -20.71
CA TYR A 310 -16.58 5.99 -20.90
C TYR A 310 -16.78 6.69 -22.24
N ASP A 311 -17.46 6.01 -23.16
CA ASP A 311 -17.59 6.51 -24.51
C ASP A 311 -18.88 5.99 -25.14
N PRO A 312 -19.99 6.62 -24.81
CA PRO A 312 -21.33 6.24 -25.26
C PRO A 312 -21.39 6.07 -26.76
N GLN A 313 -20.66 6.94 -27.45
CA GLN A 313 -20.77 6.97 -28.88
C GLN A 313 -20.14 5.70 -29.44
N LYS A 314 -18.98 5.32 -28.92
CA LYS A 314 -18.33 4.06 -29.32
C LYS A 314 -19.20 2.85 -28.92
N ALA A 315 -19.83 2.89 -27.74
CA ALA A 315 -20.72 1.79 -27.34
C ALA A 315 -21.89 1.62 -28.32
N LYS A 316 -22.47 2.74 -28.76
CA LYS A 316 -23.55 2.67 -29.72
C LYS A 316 -23.08 2.00 -31.04
N ALA A 317 -21.93 2.45 -31.52
CA ALA A 317 -21.39 2.01 -32.80
C ALA A 317 -21.14 0.51 -32.85
N LEU A 318 -20.55 0.00 -31.77
CA LEU A 318 -20.33 -1.43 -31.58
C LEU A 318 -21.66 -2.18 -31.62
N LEU A 319 -22.64 -1.67 -30.89
CA LEU A 319 -23.98 -2.23 -30.95
C LEU A 319 -24.60 -2.27 -32.36
N GLU A 320 -24.50 -1.15 -33.09
CA GLU A 320 -25.14 -1.01 -34.41
C GLU A 320 -24.50 -1.97 -35.40
N LYS A 321 -23.17 -2.03 -35.37
CA LYS A 321 -22.37 -2.91 -36.21
C LYS A 321 -22.63 -4.41 -35.97
N ALA A 322 -23.06 -4.76 -34.78
CA ALA A 322 -23.35 -6.14 -34.47
C ALA A 322 -24.83 -6.37 -34.74
N GLY A 323 -25.52 -5.32 -35.18
CA GLY A 323 -26.91 -5.42 -35.64
C GLY A 323 -27.96 -5.20 -34.57
N TRP A 324 -27.59 -4.45 -33.54
CA TRP A 324 -28.52 -4.15 -32.49
C TRP A 324 -28.97 -2.73 -32.72
N THR A 325 -30.07 -2.57 -33.44
CA THR A 325 -30.49 -1.23 -33.93
C THR A 325 -31.75 -0.71 -33.25
N LEU A 326 -31.95 0.62 -33.32
CA LEU A 326 -33.11 1.25 -32.75
C LEU A 326 -34.36 1.21 -33.67
N PRO A 327 -35.41 0.45 -33.28
CA PRO A 327 -36.71 0.62 -33.95
C PRO A 327 -37.31 2.03 -33.75
N ALA A 328 -38.18 2.42 -34.68
CA ALA A 328 -39.04 3.57 -34.50
C ALA A 328 -40.19 3.13 -33.57
N GLY A 329 -40.52 3.92 -32.56
CA GLY A 329 -39.67 4.94 -31.97
C GLY A 329 -39.54 4.38 -30.56
N LYS A 330 -38.68 3.37 -30.41
CA LYS A 330 -38.34 2.84 -29.09
C LYS A 330 -36.89 3.19 -28.75
N ASP A 331 -36.60 3.43 -27.47
CA ASP A 331 -35.23 3.68 -27.03
C ASP A 331 -34.35 2.42 -26.81
N ILE A 332 -34.89 1.23 -27.06
CA ILE A 332 -34.18 -0.05 -26.77
C ILE A 332 -33.90 -0.86 -28.05
N ARG A 333 -32.64 -1.27 -28.21
CA ARG A 333 -32.23 -1.94 -29.43
C ARG A 333 -32.89 -3.30 -29.62
N GLU A 334 -33.09 -3.69 -30.85
CA GLU A 334 -33.56 -4.99 -31.17
C GLU A 334 -32.66 -5.45 -32.27
N LYS A 335 -32.59 -6.73 -32.44
CA LYS A 335 -32.06 -7.40 -33.62
C LYS A 335 -32.75 -8.74 -33.83
N ASN A 336 -33.64 -8.83 -34.81
CA ASN A 336 -34.02 -10.17 -35.08
C ASN A 336 -35.06 -10.59 -34.12
N GLY A 337 -35.97 -9.69 -33.82
CA GLY A 337 -37.07 -9.95 -32.91
C GLY A 337 -36.99 -9.49 -31.45
N GLN A 338 -35.83 -9.73 -30.92
CA GLN A 338 -35.41 -9.78 -29.52
C GLN A 338 -34.78 -8.46 -29.08
N PRO A 339 -35.33 -7.86 -28.04
CA PRO A 339 -34.82 -6.59 -27.52
C PRO A 339 -33.56 -6.83 -26.70
N LEU A 340 -32.67 -5.84 -26.66
CA LEU A 340 -31.43 -5.95 -25.90
C LEU A 340 -31.75 -5.78 -24.42
N ARG A 341 -32.10 -6.90 -23.80
CA ARG A 341 -32.52 -6.89 -22.40
C ARG A 341 -31.55 -7.71 -21.54
N ILE A 342 -31.03 -7.09 -20.50
CA ILE A 342 -30.07 -7.79 -19.66
C ILE A 342 -30.48 -7.69 -18.19
N GLU A 343 -30.49 -8.83 -17.52
CA GLU A 343 -30.84 -8.83 -16.08
C GLU A 343 -29.61 -8.61 -15.22
N LEU A 344 -29.70 -7.61 -14.35
CA LEU A 344 -28.67 -7.33 -13.38
C LEU A 344 -29.13 -7.70 -11.97
N SER A 345 -28.55 -8.77 -11.41
CA SER A 345 -28.97 -9.20 -10.08
C SER A 345 -28.01 -8.85 -8.99
N PHE A 346 -28.56 -8.56 -7.83
CA PHE A 346 -27.81 -8.09 -6.67
C PHE A 346 -28.62 -8.40 -5.38
N ILE A 347 -27.96 -8.35 -4.21
CA ILE A 347 -28.70 -8.44 -2.95
C ILE A 347 -29.57 -7.20 -2.76
N GLY A 348 -30.87 -7.32 -2.91
CA GLY A 348 -31.77 -6.17 -2.91
C GLY A 348 -31.94 -5.36 -1.62
N THR A 349 -31.50 -5.93 -0.49
CA THR A 349 -31.55 -5.22 0.79
C THR A 349 -30.33 -4.24 0.97
N ASP A 350 -29.27 -4.46 0.17
CA ASP A 350 -28.05 -3.67 0.22
C ASP A 350 -28.14 -2.35 -0.57
N ALA A 351 -28.34 -1.25 0.15
CA ALA A 351 -28.62 0.07 -0.46
C ALA A 351 -27.53 0.57 -1.45
N LEU A 352 -26.28 0.22 -1.20
CA LEU A 352 -25.22 0.64 -2.08
C LEU A 352 -25.28 -0.10 -3.39
N SER A 353 -25.52 -1.42 -3.34
CA SER A 353 -25.63 -2.23 -4.55
C SER A 353 -26.82 -1.75 -5.35
N LYS A 354 -27.94 -1.53 -4.66
CA LYS A 354 -29.10 -0.99 -5.35
C LYS A 354 -28.70 0.29 -6.08
N SER A 355 -27.98 1.13 -5.38
CA SER A 355 -27.65 2.46 -5.82
C SER A 355 -26.77 2.44 -7.09
N MET A 356 -25.68 1.69 -7.06
CA MET A 356 -24.84 1.50 -8.23
C MET A 356 -25.59 0.82 -9.41
N ALA A 357 -26.43 -0.18 -9.12
CA ALA A 357 -27.21 -0.81 -10.16
C ALA A 357 -28.09 0.18 -10.93
N GLU A 358 -28.76 1.10 -10.21
CA GLU A 358 -29.64 2.06 -10.87
C GLU A 358 -28.87 2.94 -11.82
N ILE A 359 -27.71 3.40 -11.37
CA ILE A 359 -26.80 4.14 -12.22
C ILE A 359 -26.38 3.27 -13.38
N ILE A 360 -25.92 2.03 -13.12
CA ILE A 360 -25.53 1.18 -14.25
C ILE A 360 -26.73 1.10 -15.19
N GLN A 361 -27.93 0.91 -14.61
CA GLN A 361 -29.14 0.81 -15.42
C GLN A 361 -29.37 2.05 -16.25
N ALA A 362 -29.17 3.24 -15.67
CA ALA A 362 -29.38 4.48 -16.40
C ALA A 362 -28.36 4.70 -17.53
N ASP A 363 -27.09 4.44 -17.23
CA ASP A 363 -26.07 4.57 -18.22
C ASP A 363 -26.29 3.64 -19.45
N MET A 364 -26.73 2.41 -19.24
CA MET A 364 -26.85 1.49 -20.34
C MET A 364 -28.12 1.75 -21.14
N ARG A 365 -29.11 2.35 -20.49
CA ARG A 365 -30.30 2.77 -21.19
C ARG A 365 -29.96 3.77 -22.27
N GLN A 366 -28.99 4.64 -21.94
CA GLN A 366 -28.56 5.69 -22.84
C GLN A 366 -27.95 5.18 -24.14
N ILE A 367 -27.53 3.92 -24.14
CA ILE A 367 -26.98 3.32 -25.34
C ILE A 367 -27.92 2.22 -25.88
N GLY A 368 -29.14 2.17 -25.36
CA GLY A 368 -30.14 1.26 -25.89
C GLY A 368 -30.09 -0.14 -25.33
N ALA A 369 -29.68 -0.29 -24.08
CA ALA A 369 -29.68 -1.56 -23.40
C ALA A 369 -30.68 -1.44 -22.27
N ASP A 370 -31.63 -2.37 -22.22
CA ASP A 370 -32.69 -2.39 -21.21
C ASP A 370 -32.25 -3.37 -20.13
N VAL A 371 -31.85 -2.80 -19.00
CA VAL A 371 -31.33 -3.55 -17.89
C VAL A 371 -32.49 -3.60 -16.92
N SER A 372 -32.93 -4.80 -16.54
CA SER A 372 -33.93 -4.97 -15.51
C SER A 372 -33.20 -5.34 -14.27
N LEU A 373 -33.62 -4.75 -13.16
CA LEU A 373 -32.94 -4.94 -11.89
C LEU A 373 -33.58 -6.09 -11.17
N ILE A 374 -32.77 -7.08 -10.77
CA ILE A 374 -33.27 -8.20 -9.99
C ILE A 374 -32.64 -8.17 -8.61
N GLY A 375 -33.28 -7.48 -7.68
CA GLY A 375 -32.76 -7.41 -6.32
C GLY A 375 -33.43 -8.50 -5.51
N GLU A 376 -32.64 -9.43 -5.00
CA GLU A 376 -33.20 -10.60 -4.32
C GLU A 376 -32.44 -10.81 -3.04
N GLU A 377 -32.91 -11.72 -2.18
CA GLU A 377 -32.18 -12.01 -0.96
C GLU A 377 -30.86 -12.77 -1.24
N GLU A 378 -29.88 -12.56 -0.37
CA GLU A 378 -28.58 -13.23 -0.43
C GLU A 378 -28.57 -14.64 -1.07
N SER A 379 -29.33 -15.58 -0.51
CA SER A 379 -29.28 -16.97 -0.99
C SER A 379 -29.61 -17.09 -2.45
N SER A 380 -30.59 -16.32 -2.93
CA SER A 380 -31.02 -16.42 -4.33
C SER A 380 -29.89 -15.98 -5.24
N ILE A 381 -29.24 -14.91 -4.79
CA ILE A 381 -28.11 -14.36 -5.49
C ILE A 381 -27.03 -15.42 -5.55
N TYR A 382 -26.76 -16.07 -4.42
CA TYR A 382 -25.72 -17.10 -4.39
C TYR A 382 -26.02 -18.29 -5.30
N ALA A 383 -27.30 -18.66 -5.38
CA ALA A 383 -27.71 -19.78 -6.23
C ALA A 383 -27.62 -19.41 -7.73
N ARG A 384 -27.77 -18.11 -8.03
CA ARG A 384 -27.65 -17.68 -9.40
C ARG A 384 -26.17 -17.74 -9.79
N GLN A 385 -25.35 -17.28 -8.86
CA GLN A 385 -23.90 -17.34 -8.97
C GLN A 385 -23.41 -18.74 -9.24
N ARG A 386 -23.95 -19.73 -8.52
CA ARG A 386 -23.54 -21.11 -8.71
C ARG A 386 -24.08 -21.67 -10.00
N ASP A 387 -25.22 -21.14 -10.46
CA ASP A 387 -25.98 -21.68 -11.59
C ASP A 387 -25.69 -21.06 -12.91
N GLY A 388 -25.28 -19.80 -12.88
CA GLY A 388 -25.17 -19.03 -14.10
C GLY A 388 -26.50 -18.44 -14.50
N ARG A 389 -27.48 -18.42 -13.61
CA ARG A 389 -28.73 -17.70 -13.87
C ARG A 389 -28.58 -16.17 -13.66
N PHE A 390 -27.74 -15.54 -14.48
CA PHE A 390 -27.60 -14.09 -14.46
C PHE A 390 -27.16 -13.56 -15.82
N GLY A 391 -27.51 -12.32 -16.12
CA GLY A 391 -26.87 -11.65 -17.23
C GLY A 391 -25.64 -10.93 -16.70
N MET A 392 -25.84 -10.13 -15.68
CA MET A 392 -24.75 -9.48 -14.98
C MET A 392 -25.03 -9.56 -13.51
N ILE A 393 -23.94 -9.63 -12.74
CA ILE A 393 -23.99 -9.88 -11.32
C ILE A 393 -22.86 -9.07 -10.71
N PHE A 394 -23.10 -8.50 -9.57
CA PHE A 394 -22.08 -7.74 -8.84
C PHE A 394 -21.11 -8.75 -8.29
N HIS A 395 -19.85 -8.39 -8.20
CA HIS A 395 -18.86 -9.38 -7.84
C HIS A 395 -17.64 -8.58 -7.38
N ARG A 396 -16.66 -9.26 -6.82
CA ARG A 396 -15.51 -8.58 -6.28
C ARG A 396 -14.36 -9.52 -5.99
N THR A 397 -13.15 -9.04 -6.28
CA THR A 397 -11.90 -9.81 -6.02
C THR A 397 -11.66 -9.91 -4.51
N TRP A 398 -10.56 -10.53 -4.09
CA TRP A 398 -10.52 -11.00 -2.68
C TRP A 398 -9.50 -10.31 -1.82
N GLY A 399 -8.69 -9.50 -2.48
CA GLY A 399 -7.63 -8.76 -1.82
C GLY A 399 -6.49 -9.67 -1.53
N ALA A 400 -5.50 -9.15 -0.81
CA ALA A 400 -4.25 -9.87 -0.62
C ALA A 400 -4.50 -10.81 0.54
N PRO A 401 -3.98 -12.04 0.49
CA PRO A 401 -3.02 -12.57 -0.50
C PRO A 401 -3.65 -13.39 -1.58
N TYR A 402 -4.98 -13.35 -1.61
CA TYR A 402 -5.77 -14.11 -2.57
C TYR A 402 -5.53 -13.65 -3.98
N ASP A 403 -5.22 -12.36 -4.14
CA ASP A 403 -5.19 -11.75 -5.47
C ASP A 403 -3.75 -11.66 -5.98
N PRO A 404 -3.50 -12.20 -7.17
CA PRO A 404 -4.47 -12.80 -8.08
C PRO A 404 -4.57 -14.34 -8.07
N HIS A 405 -3.60 -15.06 -7.46
CA HIS A 405 -3.47 -16.51 -7.73
C HIS A 405 -4.70 -17.31 -7.33
N ALA A 406 -5.25 -17.01 -6.14
CA ALA A 406 -6.27 -17.87 -5.59
C ALA A 406 -7.58 -17.51 -6.22
N PHE A 407 -7.75 -16.22 -6.52
CA PHE A 407 -8.89 -15.79 -7.32
C PHE A 407 -8.85 -16.44 -8.68
N LEU A 408 -7.68 -16.54 -9.29
CA LEU A 408 -7.62 -17.17 -10.58
C LEU A 408 -7.87 -18.67 -10.44
N SER A 409 -7.22 -19.28 -9.45
CA SER A 409 -7.43 -20.70 -9.16
C SER A 409 -8.93 -21.05 -9.14
N SER A 410 -9.71 -20.23 -8.42
CA SER A 410 -11.16 -20.45 -8.26
C SER A 410 -12.05 -20.43 -9.47
N MET A 411 -11.60 -19.79 -10.54
CA MET A 411 -12.39 -19.71 -11.78
C MET A 411 -12.67 -21.09 -12.34
N ARG A 412 -11.98 -22.09 -11.79
CA ARG A 412 -12.04 -23.40 -12.33
CA ARG A 412 -11.93 -23.49 -12.16
C ARG A 412 -13.15 -24.25 -11.67
N VAL A 413 -13.69 -23.67 -10.59
CA VAL A 413 -14.64 -24.38 -9.76
C VAL A 413 -16.02 -24.09 -10.31
N PRO A 414 -16.74 -25.14 -10.74
CA PRO A 414 -18.04 -24.93 -11.43
C PRO A 414 -19.09 -24.12 -10.66
N SER A 415 -19.02 -24.09 -9.33
CA SER A 415 -20.08 -23.47 -8.54
C SER A 415 -19.76 -22.01 -8.18
N HIS A 416 -18.82 -21.39 -8.88
CA HIS A 416 -18.45 -20.03 -8.57
C HIS A 416 -18.92 -19.15 -9.69
N ALA A 417 -19.33 -17.93 -9.35
CA ALA A 417 -19.80 -16.99 -10.36
C ALA A 417 -18.81 -16.87 -11.54
N ASP A 418 -17.49 -16.94 -11.26
CA ASP A 418 -16.51 -16.69 -12.33
C ASP A 418 -16.46 -17.81 -13.35
N PHE A 419 -16.65 -19.05 -12.92
CA PHE A 419 -16.67 -20.19 -13.83
C PHE A 419 -17.88 -20.04 -14.73
N GLN A 420 -19.04 -19.83 -14.11
CA GLN A 420 -20.30 -19.62 -14.87
C GLN A 420 -20.22 -18.48 -15.88
N ALA A 421 -19.68 -17.34 -15.51
CA ALA A 421 -19.58 -16.24 -16.46
C ALA A 421 -18.75 -16.56 -17.67
N GLN A 422 -17.77 -17.45 -17.51
CA GLN A 422 -16.79 -17.71 -18.55
C GLN A 422 -17.17 -18.90 -19.42
N GLN A 423 -18.31 -19.50 -19.10
CA GLN A 423 -18.74 -20.71 -19.78
C GLN A 423 -18.89 -20.59 -21.29
N GLY A 424 -19.34 -19.45 -21.77
CA GLY A 424 -19.52 -19.27 -23.19
C GLY A 424 -18.23 -19.10 -23.97
N LEU A 425 -17.08 -18.98 -23.31
CA LEU A 425 -15.86 -18.80 -24.08
C LEU A 425 -15.34 -20.11 -24.71
N ALA A 426 -14.98 -20.05 -26.00
CA ALA A 426 -14.33 -21.17 -26.70
C ALA A 426 -12.98 -21.46 -26.03
N ASP A 427 -12.31 -20.37 -25.63
CA ASP A 427 -11.05 -20.43 -24.90
C ASP A 427 -11.12 -20.89 -23.46
N LYS A 428 -12.31 -21.15 -22.92
CA LYS A 428 -12.43 -21.47 -21.50
C LYS A 428 -11.62 -22.66 -20.99
N PRO A 429 -11.63 -23.81 -21.69
CA PRO A 429 -10.77 -24.94 -21.27
C PRO A 429 -9.27 -24.58 -21.29
N LEU A 430 -8.84 -23.85 -22.31
CA LEU A 430 -7.47 -23.42 -22.39
C LEU A 430 -7.07 -22.58 -21.18
N ILE A 431 -7.89 -21.58 -20.84
CA ILE A 431 -7.66 -20.74 -19.66
C ILE A 431 -7.50 -21.57 -18.37
N ASP A 432 -8.48 -22.44 -18.13
CA ASP A 432 -8.47 -23.34 -16.97
C ASP A 432 -7.24 -24.23 -16.91
N LYS A 433 -6.77 -24.67 -18.08
CA LYS A 433 -5.53 -25.41 -18.18
C LYS A 433 -4.36 -24.55 -17.77
N GLU A 434 -4.28 -23.36 -18.33
CA GLU A 434 -3.20 -22.43 -17.97
C GLU A 434 -3.23 -21.98 -16.51
N ILE A 435 -4.42 -21.83 -15.93
CA ILE A 435 -4.52 -21.51 -14.53
C ILE A 435 -3.89 -22.65 -13.75
N GLY A 436 -4.16 -23.88 -14.15
CA GLY A 436 -3.58 -25.06 -13.47
C GLY A 436 -2.06 -25.06 -13.58
N GLU A 437 -1.53 -24.77 -14.78
CA GLU A 437 -0.08 -24.78 -15.02
C GLU A 437 0.62 -23.67 -14.22
N VAL A 438 -0.02 -22.50 -14.13
CA VAL A 438 0.66 -21.30 -13.60
C VAL A 438 0.99 -21.49 -12.13
N LEU A 439 0.14 -22.26 -11.46
CA LEU A 439 0.17 -22.47 -10.02
C LEU A 439 1.30 -23.44 -9.59
N ALA A 440 1.75 -24.22 -10.55
CA ALA A 440 2.83 -25.20 -10.39
C ALA A 440 4.11 -24.78 -11.13
N THR A 441 4.14 -23.58 -11.70
CA THR A 441 5.31 -23.13 -12.47
C THR A 441 6.34 -22.46 -11.60
N HIS A 442 7.60 -22.90 -11.72
CA HIS A 442 8.72 -22.25 -11.05
C HIS A 442 9.70 -21.61 -12.06
N ASP A 443 9.45 -21.81 -13.36
CA ASP A 443 10.10 -20.99 -14.36
C ASP A 443 9.42 -19.65 -14.23
N GLU A 444 10.19 -18.68 -13.80
CA GLU A 444 9.63 -17.41 -13.41
C GLU A 444 9.16 -16.63 -14.65
N THR A 445 9.78 -16.87 -15.80
CA THR A 445 9.39 -16.16 -17.00
C THR A 445 8.13 -16.77 -17.63
N GLN A 446 8.01 -18.09 -17.52
CA GLN A 446 6.82 -18.78 -17.98
C GLN A 446 5.62 -18.43 -17.07
N ARG A 447 5.89 -18.22 -15.79
CA ARG A 447 4.80 -17.80 -14.88
C ARG A 447 4.26 -16.43 -15.28
N GLN A 448 5.15 -15.48 -15.52
CA GLN A 448 4.68 -14.17 -15.94
C GLN A 448 3.88 -14.32 -17.23
N ALA A 449 4.38 -15.14 -18.15
CA ALA A 449 3.73 -15.33 -19.46
C ALA A 449 2.32 -15.92 -19.36
N LEU A 450 2.13 -16.80 -18.40
CA LEU A 450 0.87 -17.47 -18.23
C LEU A 450 -0.21 -16.56 -17.65
N TYR A 451 0.10 -15.89 -16.54
CA TYR A 451 -0.76 -14.85 -16.00
C TYR A 451 -1.08 -13.80 -17.06
N ARG A 452 -0.08 -13.47 -17.86
CA ARG A 452 -0.27 -12.52 -18.96
C ARG A 452 -1.37 -13.03 -19.90
N ASP A 453 -1.22 -14.26 -20.36
CA ASP A 453 -2.20 -14.87 -21.21
C ASP A 453 -3.59 -14.97 -20.57
N ILE A 454 -3.67 -15.44 -19.32
CA ILE A 454 -4.93 -15.61 -18.66
C ILE A 454 -5.73 -14.27 -18.55
N LEU A 455 -5.06 -13.26 -18.00
CA LEU A 455 -5.64 -11.98 -17.69
C LEU A 455 -5.92 -11.22 -18.98
N THR A 456 -5.05 -11.42 -19.97
CA THR A 456 -5.27 -10.77 -21.24
C THR A 456 -6.50 -11.36 -21.95
N ARG A 457 -6.58 -12.68 -22.01
CA ARG A 457 -7.74 -13.36 -22.59
C ARG A 457 -9.01 -12.92 -21.89
N LEU A 458 -8.96 -12.84 -20.56
CA LEU A 458 -10.12 -12.38 -19.78
C LEU A 458 -10.46 -10.89 -20.01
N HIS A 459 -9.45 -10.06 -20.16
CA HIS A 459 -9.66 -8.66 -20.53
C HIS A 459 -10.28 -8.52 -21.93
N ASP A 460 -9.70 -9.15 -22.95
CA ASP A 460 -10.16 -9.00 -24.34
C ASP A 460 -11.52 -9.64 -24.61
N GLU A 461 -11.92 -10.61 -23.77
CA GLU A 461 -13.22 -11.24 -23.93
C GLU A 461 -14.35 -10.43 -23.22
N ALA A 462 -13.95 -9.38 -22.51
CA ALA A 462 -14.86 -8.61 -21.68
C ALA A 462 -15.79 -9.50 -20.85
N VAL A 463 -15.24 -10.53 -20.20
CA VAL A 463 -15.98 -11.22 -19.13
C VAL A 463 -16.42 -10.29 -17.99
N TYR A 464 -15.60 -9.28 -17.66
CA TYR A 464 -15.91 -8.39 -16.52
C TYR A 464 -16.21 -6.94 -16.91
N LEU A 465 -16.88 -6.22 -16.03
CA LEU A 465 -17.02 -4.78 -16.24
C LEU A 465 -16.47 -4.16 -14.99
N PRO A 466 -15.16 -3.88 -14.98
CA PRO A 466 -14.55 -3.39 -13.76
C PRO A 466 -15.17 -2.08 -13.40
N ILE A 467 -15.50 -1.88 -12.12
CA ILE A 467 -16.09 -0.62 -11.65
C ILE A 467 -15.13 0.22 -10.76
N SER A 468 -14.76 -0.33 -9.62
CA SER A 468 -13.95 0.43 -8.70
C SER A 468 -12.82 -0.41 -8.06
N TYR A 469 -11.71 0.23 -7.72
CA TYR A 469 -10.78 -0.35 -6.75
C TYR A 469 -11.14 0.30 -5.42
N ILE A 470 -11.67 -0.51 -4.51
CA ILE A 470 -12.17 -0.01 -3.23
C ILE A 470 -11.17 -0.15 -2.11
N SER A 471 -11.43 0.57 -1.02
CA SER A 471 -10.48 0.71 0.07
C SER A 471 -11.03 0.24 1.38
N MET A 472 -10.15 0.04 2.36
CA MET A 472 -10.62 -0.19 3.70
C MET A 472 -10.85 1.17 4.29
N MET A 473 -11.75 1.27 5.27
CA MET A 473 -11.93 2.52 5.97
C MET A 473 -12.20 2.35 7.45
N VAL A 474 -11.74 3.33 8.19
CA VAL A 474 -11.83 3.35 9.62
C VAL A 474 -12.48 4.64 10.10
N VAL A 475 -13.33 4.50 11.10
CA VAL A 475 -13.86 5.60 11.88
C VAL A 475 -13.61 5.24 13.33
N SER A 476 -12.99 6.17 14.07
CA SER A 476 -12.59 5.88 15.42
C SER A 476 -12.61 7.11 16.32
N LYS A 477 -12.80 6.90 17.62
CA LYS A 477 -12.53 7.94 18.64
C LYS A 477 -11.06 8.30 18.62
N PRO A 478 -10.76 9.62 18.65
CA PRO A 478 -9.36 10.08 18.51
C PRO A 478 -8.39 9.43 19.50
N GLU A 479 -8.88 9.13 20.70
CA GLU A 479 -8.02 8.62 21.76
C GLU A 479 -7.35 7.30 21.40
N LEU A 480 -7.89 6.60 20.40
CA LEU A 480 -7.41 5.30 20.00
C LEU A 480 -6.14 5.36 19.18
N GLY A 481 -5.80 6.56 18.73
CA GLY A 481 -4.63 6.75 17.87
C GLY A 481 -4.85 6.27 16.43
N ASN A 482 -3.78 6.25 15.66
CA ASN A 482 -3.77 5.73 14.28
C ASN A 482 -4.15 4.25 14.30
N ILE A 483 -5.10 3.83 13.46
CA ILE A 483 -5.46 2.42 13.31
C ILE A 483 -4.67 1.70 12.14
N PRO A 484 -3.97 0.59 12.43
CA PRO A 484 -3.15 0.04 11.33
C PRO A 484 -4.00 -0.78 10.41
N TYR A 485 -3.49 -1.05 9.21
CA TYR A 485 -4.10 -2.06 8.36
C TYR A 485 -3.31 -3.33 8.37
N ALA A 486 -4.02 -4.44 8.26
CA ALA A 486 -3.44 -5.76 8.25
C ALA A 486 -3.12 -6.13 6.83
N PRO A 487 -1.97 -6.81 6.60
CA PRO A 487 -1.61 -7.34 5.28
C PRO A 487 -2.76 -8.07 4.60
N ILE A 488 -3.47 -8.91 5.33
CA ILE A 488 -4.54 -9.70 4.70
C ILE A 488 -5.81 -8.90 4.80
N ALA A 489 -6.35 -8.56 3.64
CA ALA A 489 -7.47 -7.65 3.58
C ALA A 489 -8.68 -8.02 4.44
N THR A 490 -8.90 -9.31 4.69
CA THR A 490 -10.02 -9.72 5.57
C THR A 490 -9.65 -9.79 7.03
N GLU A 491 -8.42 -9.43 7.39
CA GLU A 491 -8.04 -9.45 8.78
C GLU A 491 -8.09 -8.07 9.36
N ILE A 492 -8.26 -8.02 10.68
CA ILE A 492 -8.30 -6.74 11.42
C ILE A 492 -7.23 -6.74 12.52
N PRO A 493 -6.24 -5.85 12.43
CA PRO A 493 -5.06 -5.93 13.34
C PRO A 493 -5.28 -5.25 14.70
N PHE A 494 -6.19 -5.79 15.49
CA PHE A 494 -6.50 -5.26 16.80
C PHE A 494 -5.27 -5.24 17.70
N GLU A 495 -4.38 -6.22 17.51
CA GLU A 495 -3.21 -6.38 18.39
C GLU A 495 -2.14 -5.35 18.13
N GLN A 496 -2.29 -4.57 17.07
CA GLN A 496 -1.40 -3.47 16.81
C GLN A 496 -1.99 -2.17 17.28
N ILE A 497 -3.19 -2.18 17.86
CA ILE A 497 -3.78 -0.94 18.33
C ILE A 497 -3.15 -0.57 19.65
N LYS A 498 -2.73 0.69 19.77
CA LYS A 498 -1.96 1.19 20.91
C LYS A 498 -2.40 2.61 21.23
N PRO A 499 -3.44 2.75 22.07
CA PRO A 499 -3.86 4.06 22.60
C PRO A 499 -2.72 5.09 22.87
N PRO B 3 24.80 -15.18 -13.22
CA PRO B 3 23.84 -16.25 -12.87
C PRO B 3 23.08 -15.90 -11.58
N ASP B 4 23.79 -15.97 -10.45
CA ASP B 4 23.31 -15.43 -9.15
C ASP B 4 24.01 -14.10 -8.83
N GLU B 5 24.30 -13.35 -9.90
CA GLU B 5 24.89 -12.03 -9.84
C GLU B 5 24.01 -11.10 -10.65
N ILE B 6 23.63 -9.95 -10.09
CA ILE B 6 22.82 -8.98 -10.83
C ILE B 6 23.54 -7.69 -11.00
N THR B 7 23.24 -7.03 -12.11
CA THR B 7 23.74 -5.72 -12.47
C THR B 7 22.54 -4.77 -12.57
N THR B 8 22.60 -3.67 -11.85
CA THR B 8 21.51 -2.71 -11.87
C THR B 8 22.03 -1.29 -12.20
N ALA B 9 21.35 -0.22 -11.78
CA ALA B 9 21.83 1.13 -12.08
C ALA B 9 21.36 2.10 -11.04
N TRP B 10 22.02 3.26 -11.07
CA TRP B 10 21.76 4.43 -10.22
C TRP B 10 22.41 5.61 -10.96
N PRO B 11 21.79 6.81 -10.90
CA PRO B 11 22.36 7.95 -11.62
C PRO B 11 23.73 8.50 -11.07
N VAL B 12 24.07 8.20 -9.82
CA VAL B 12 25.38 8.54 -9.25
C VAL B 12 26.03 7.31 -8.58
N ASN B 13 27.24 7.46 -8.08
CA ASN B 13 27.82 6.45 -7.21
C ASN B 13 27.10 6.46 -5.89
N VAL B 14 27.31 5.40 -5.11
CA VAL B 14 26.70 5.27 -3.80
C VAL B 14 27.27 6.23 -2.75
N GLY B 15 28.45 6.78 -3.01
CA GLY B 15 29.18 7.61 -2.06
C GLY B 15 30.15 6.78 -1.23
N PRO B 16 30.79 7.38 -0.20
CA PRO B 16 31.70 6.57 0.60
C PRO B 16 31.01 5.63 1.59
N LEU B 17 29.75 5.90 1.87
CA LEU B 17 28.97 5.08 2.78
C LEU B 17 29.39 5.36 4.21
N ASN B 18 29.58 6.64 4.49
CA ASN B 18 29.61 7.12 5.84
C ASN B 18 28.18 7.00 6.37
N PRO B 19 27.96 6.20 7.41
CA PRO B 19 26.58 6.00 7.92
C PRO B 19 25.90 7.26 8.51
N HIS B 20 26.69 8.27 8.88
CA HIS B 20 26.17 9.41 9.61
C HIS B 20 26.14 10.69 8.80
N LEU B 21 26.50 10.62 7.53
CA LEU B 21 26.39 11.82 6.72
C LEU B 21 25.39 11.65 5.58
N TYR B 22 25.28 12.70 4.74
CA TYR B 22 24.24 12.84 3.71
C TYR B 22 24.88 12.86 2.32
N THR B 23 24.31 13.58 1.36
CA THR B 23 24.85 13.62 0.00
C THR B 23 26.35 13.79 0.12
N PRO B 24 27.16 13.13 -0.73
CA PRO B 24 26.90 12.21 -1.84
C PRO B 24 26.53 10.79 -1.44
N ASN B 25 26.43 10.50 -0.15
CA ASN B 25 25.97 9.18 0.23
C ASN B 25 24.54 8.99 -0.23
N GLN B 26 24.27 7.80 -0.75
CA GLN B 26 22.93 7.40 -1.14
C GLN B 26 22.33 6.54 -0.05
N MET B 27 21.06 6.81 0.27
CA MET B 27 20.37 6.22 1.43
C MET B 27 20.20 4.72 1.25
N PHE B 28 19.84 4.30 0.03
CA PHE B 28 19.57 2.88 -0.22
C PHE B 28 20.85 2.05 0.00
N ALA B 29 21.99 2.64 -0.37
CA ALA B 29 23.28 1.96 -0.26
C ALA B 29 23.67 1.95 1.19
N GLN B 30 23.45 3.07 1.88
CA GLN B 30 23.67 3.11 3.31
C GLN B 30 22.87 2.02 3.99
N SER B 31 21.66 1.78 3.49
CA SER B 31 20.69 0.87 4.10
C SER B 31 20.95 -0.59 3.80
N MET B 32 21.78 -0.82 2.78
CA MET B 32 22.29 -2.13 2.44
C MET B 32 23.40 -2.54 3.42
N VAL B 33 24.16 -1.55 3.90
CA VAL B 33 25.37 -1.84 4.65
C VAL B 33 25.11 -1.72 6.16
N TYR B 34 24.30 -0.73 6.53
CA TYR B 34 24.09 -0.39 7.92
C TYR B 34 22.74 -0.80 8.39
N GLU B 35 22.59 -0.97 9.70
CA GLU B 35 21.35 -1.52 10.24
C GLU B 35 20.90 -0.80 11.50
N PRO B 36 19.57 -0.68 11.72
CA PRO B 36 19.06 0.07 12.87
C PRO B 36 18.80 -0.84 14.10
N LEU B 37 18.60 -0.23 15.25
CA LEU B 37 18.13 -1.00 16.42
C LEU B 37 16.80 -1.68 16.09
N VAL B 38 15.88 -0.94 15.46
CA VAL B 38 14.55 -1.43 15.06
C VAL B 38 14.23 -1.20 13.57
N LYS B 39 13.45 -2.10 12.96
CA LYS B 39 13.19 -2.12 11.53
C LYS B 39 11.75 -1.78 11.20
N TYR B 40 11.59 -0.87 10.25
CA TYR B 40 10.29 -0.39 9.86
C TYR B 40 9.51 -1.46 9.08
N GLN B 41 8.22 -1.58 9.40
CA GLN B 41 7.30 -2.48 8.74
C GLN B 41 6.21 -1.71 7.99
N ALA B 42 5.63 -2.37 6.99
CA ALA B 42 4.66 -1.76 6.08
C ALA B 42 3.43 -1.21 6.77
N ASP B 43 3.05 -1.80 7.88
CA ASP B 43 1.97 -1.26 8.69
C ASP B 43 2.30 -0.01 9.52
N GLY B 44 3.55 0.40 9.55
CA GLY B 44 3.85 1.61 10.32
C GLY B 44 4.45 1.29 11.68
N SER B 45 4.53 0.00 11.98
CA SER B 45 5.17 -0.46 13.21
C SER B 45 6.66 -0.74 12.99
N VAL B 46 7.33 -1.11 14.08
CA VAL B 46 8.73 -1.56 14.01
C VAL B 46 8.87 -2.94 14.62
N ILE B 47 9.74 -3.75 14.05
CA ILE B 47 10.11 -5.01 14.67
C ILE B 47 11.47 -4.91 15.39
N PRO B 48 11.64 -5.69 16.47
CA PRO B 48 13.00 -5.86 17.01
C PRO B 48 13.97 -6.15 15.86
N TRP B 49 15.18 -5.61 15.92
CA TRP B 49 16.16 -5.93 14.86
C TRP B 49 17.53 -6.21 15.50
N LEU B 50 18.41 -5.22 15.48
CA LEU B 50 19.64 -5.24 16.24
C LEU B 50 19.33 -5.25 17.71
N ALA B 51 18.44 -4.38 18.16
CA ALA B 51 17.81 -4.56 19.47
C ALA B 51 16.83 -5.76 19.46
N LYS B 52 17.05 -6.71 20.38
CA LYS B 52 16.29 -7.98 20.50
C LYS B 52 14.96 -7.72 21.20
N SER B 53 14.99 -6.80 22.15
CA SER B 53 13.84 -6.43 22.93
C SER B 53 14.16 -5.09 23.58
N TRP B 54 13.19 -4.49 24.25
CA TRP B 54 13.40 -3.22 24.95
C TRP B 54 12.26 -2.92 25.93
N THR B 55 12.56 -2.06 26.90
CA THR B 55 11.61 -1.51 27.87
C THR B 55 11.83 0.01 27.99
N HIS B 56 10.81 0.74 28.44
CA HIS B 56 10.89 2.19 28.65
C HIS B 56 10.38 2.61 30.03
N SER B 57 10.69 3.84 30.44
CA SER B 57 10.21 4.37 31.72
C SER B 57 8.70 4.70 31.69
N GLU B 58 8.12 4.97 32.85
CA GLU B 58 6.71 5.34 32.94
C GLU B 58 6.53 6.66 32.20
N ASP B 59 7.43 7.61 32.44
CA ASP B 59 7.39 8.92 31.77
C ASP B 59 7.90 8.84 30.30
N GLY B 60 8.23 7.61 29.88
CA GLY B 60 8.57 7.30 28.49
C GLY B 60 9.76 8.08 27.97
N LYS B 61 10.63 8.50 28.88
CA LYS B 61 11.84 9.28 28.54
C LYS B 61 13.12 8.48 28.74
N THR B 62 13.05 7.31 29.36
CA THR B 62 14.23 6.47 29.51
C THR B 62 13.97 5.14 28.85
N TRP B 63 14.78 4.84 27.84
CA TRP B 63 14.66 3.57 27.11
C TRP B 63 15.89 2.69 27.33
N THR B 64 15.65 1.40 27.52
CA THR B 64 16.73 0.45 27.70
C THR B 64 16.53 -0.71 26.74
N PHE B 65 17.46 -0.82 25.80
CA PHE B 65 17.43 -1.83 24.75
C PHE B 65 18.35 -2.97 25.10
N THR B 66 17.88 -4.20 24.89
CA THR B 66 18.71 -5.37 25.04
C THR B 66 19.05 -5.84 23.64
N LEU B 67 20.30 -5.59 23.24
CA LEU B 67 20.79 -5.87 21.90
C LEU B 67 20.99 -7.36 21.71
N ARG B 68 20.98 -7.83 20.45
CA ARG B 68 21.38 -9.20 20.12
C ARG B 68 22.85 -9.40 20.47
N ASP B 69 23.25 -10.66 20.68
CA ASP B 69 24.64 -11.01 21.04
C ASP B 69 25.36 -11.76 19.94
N ASP B 70 24.66 -12.02 18.84
CA ASP B 70 25.24 -12.75 17.72
C ASP B 70 25.75 -11.86 16.55
N VAL B 71 25.63 -10.54 16.71
CA VAL B 71 25.87 -9.65 15.57
C VAL B 71 27.35 -9.30 15.36
N LYS B 72 27.87 -9.66 14.18
CA LYS B 72 29.22 -9.26 13.77
C LYS B 72 29.21 -8.25 12.61
N PHE B 73 29.90 -7.13 12.80
CA PHE B 73 30.29 -6.26 11.68
C PHE B 73 30.96 -7.13 10.59
N SER B 74 31.01 -6.66 9.34
CA SER B 74 31.45 -7.53 8.25
C SER B 74 32.90 -8.01 8.38
N ASN B 75 33.69 -7.30 9.19
CA ASN B 75 35.05 -7.70 9.53
C ASN B 75 35.15 -8.53 10.84
N GLY B 76 34.19 -9.42 11.09
CA GLY B 76 34.17 -10.24 12.31
C GLY B 76 34.02 -9.60 13.69
N GLU B 77 34.39 -8.31 13.82
CA GLU B 77 34.26 -7.54 15.07
C GLU B 77 32.85 -7.58 15.68
N PRO B 78 32.75 -7.63 17.02
CA PRO B 78 31.39 -7.75 17.60
C PRO B 78 30.62 -6.44 17.63
N PHE B 79 29.29 -6.55 17.55
CA PHE B 79 28.39 -5.43 17.77
C PHE B 79 27.85 -5.50 19.18
N ASP B 80 28.02 -4.44 19.92
CA ASP B 80 27.59 -4.47 21.32
C ASP B 80 27.20 -3.10 21.76
N ALA B 81 26.67 -3.00 22.97
CA ALA B 81 26.27 -1.69 23.48
C ALA B 81 27.42 -0.68 23.35
N GLU B 82 28.62 -1.10 23.69
CA GLU B 82 29.79 -0.23 23.65
C GLU B 82 29.89 0.45 22.28
N ALA B 83 29.73 -0.35 21.22
CA ALA B 83 29.84 0.13 19.85
C ALA B 83 28.65 1.00 19.46
N ALA B 84 27.47 0.51 19.78
CA ALA B 84 26.27 1.28 19.57
C ALA B 84 26.44 2.69 20.17
N ALA B 85 26.82 2.76 21.44
CA ALA B 85 26.92 4.04 22.14
C ALA B 85 27.98 4.95 21.51
N GLU B 86 29.10 4.36 21.10
CA GLU B 86 30.11 5.10 20.36
C GLU B 86 29.54 5.76 19.07
N ASN B 87 28.60 5.07 18.40
CA ASN B 87 27.94 5.59 17.18
C ASN B 87 27.01 6.76 17.44
N PHE B 88 26.20 6.67 18.50
CA PHE B 88 25.34 7.79 18.92
C PHE B 88 26.18 8.99 19.32
N ARG B 89 27.35 8.72 19.87
CA ARG B 89 28.24 9.81 20.27
C ARG B 89 28.73 10.51 19.01
N ALA B 90 29.08 9.71 18.02
CA ALA B 90 29.74 10.19 16.81
C ALA B 90 28.80 11.05 16.01
N VAL B 91 27.51 10.73 16.12
CA VAL B 91 26.42 11.44 15.46
C VAL B 91 26.13 12.77 16.18
N LEU B 92 25.89 12.70 17.48
CA LEU B 92 25.45 13.87 18.24
C LEU B 92 26.55 14.87 18.56
N ASP B 93 27.81 14.57 18.23
CA ASP B 93 28.91 15.57 18.24
C ASP B 93 28.81 16.42 16.94
N ASN B 94 27.88 16.07 16.06
CA ASN B 94 27.57 16.88 14.86
C ASN B 94 26.07 17.15 14.82
N ARG B 95 25.47 17.35 16.00
CA ARG B 95 24.02 17.47 16.21
C ARG B 95 23.32 18.48 15.30
N GLN B 96 23.89 19.68 15.22
CA GLN B 96 23.43 20.77 14.34
C GLN B 96 23.08 20.28 12.93
N ARG B 97 23.94 19.42 12.37
CA ARG B 97 23.76 18.90 11.03
C ARG B 97 22.52 18.00 10.87
N HIS B 98 22.03 17.46 11.97
CA HIS B 98 20.87 16.58 11.93
C HIS B 98 19.59 17.28 12.40
N ALA B 99 19.55 18.61 12.30
CA ALA B 99 18.45 19.41 12.86
C ALA B 99 17.10 19.05 12.27
N TRP B 100 17.10 18.56 11.03
CA TRP B 100 15.86 18.26 10.32
C TRP B 100 15.16 17.15 11.07
N LEU B 101 15.98 16.28 11.69
CA LEU B 101 15.46 15.14 12.39
C LEU B 101 15.34 15.40 13.88
N GLU B 102 14.10 15.45 14.34
CA GLU B 102 13.82 15.94 15.69
C GLU B 102 14.53 15.09 16.75
N LEU B 103 14.58 13.78 16.52
CA LEU B 103 15.25 12.88 17.46
C LEU B 103 16.67 13.32 17.82
N ALA B 104 17.39 13.92 16.88
CA ALA B 104 18.75 14.36 17.15
C ALA B 104 18.77 15.37 18.31
N ASN B 105 17.74 16.22 18.33
CA ASN B 105 17.58 17.20 19.38
C ASN B 105 17.09 16.54 20.66
N GLN B 106 16.30 15.48 20.53
CA GLN B 106 15.69 14.87 21.70
C GLN B 106 16.65 14.05 22.54
N ILE B 107 17.57 13.35 21.89
CA ILE B 107 18.47 12.48 22.64
C ILE B 107 19.36 13.38 23.47
N VAL B 108 19.31 13.16 24.78
CA VAL B 108 20.12 13.97 25.68
C VAL B 108 21.28 13.14 26.28
N ASP B 109 21.04 11.84 26.47
CA ASP B 109 22.10 10.95 26.92
C ASP B 109 22.09 9.58 26.22
N VAL B 110 23.28 9.01 25.99
CA VAL B 110 23.41 7.61 25.58
C VAL B 110 24.52 6.94 26.40
N LYS B 111 24.15 6.04 27.30
CA LYS B 111 25.12 5.26 28.08
C LYS B 111 25.06 3.78 27.71
N ALA B 112 26.21 3.13 27.62
CA ALA B 112 26.26 1.66 27.56
C ALA B 112 26.25 1.09 28.99
N LEU B 113 25.28 0.23 29.30
CA LEU B 113 25.09 -0.29 30.68
C LEU B 113 25.75 -1.65 30.89
N SER B 114 25.41 -2.60 30.03
CA SER B 114 26.03 -3.92 30.00
C SER B 114 26.84 -4.02 28.69
N LYS B 115 27.35 -5.20 28.37
CA LYS B 115 27.90 -5.44 27.05
C LYS B 115 26.76 -5.50 26.02
N THR B 116 25.55 -5.81 26.50
CA THR B 116 24.37 -6.00 25.63
C THR B 116 23.15 -5.13 25.96
N GLU B 117 23.34 -4.10 26.79
CA GLU B 117 22.23 -3.29 27.27
C GLU B 117 22.52 -1.80 27.08
N LEU B 118 21.67 -1.11 26.34
CA LEU B 118 21.94 0.26 25.93
C LEU B 118 20.82 1.21 26.39
N GLN B 119 21.19 2.30 27.07
CA GLN B 119 20.21 3.20 27.66
C GLN B 119 20.20 4.58 27.02
N ILE B 120 19.03 4.96 26.50
CA ILE B 120 18.84 6.27 25.87
C ILE B 120 17.82 7.11 26.62
N THR B 121 18.17 8.35 26.89
CA THR B 121 17.25 9.23 27.55
C THR B 121 16.96 10.46 26.68
N LEU B 122 15.70 10.88 26.72
CA LEU B 122 15.17 11.90 25.81
C LEU B 122 14.67 13.13 26.60
N LYS B 123 14.63 14.28 25.92
CA LYS B 123 14.10 15.53 26.51
C LYS B 123 12.58 15.46 26.77
N SER B 124 11.89 14.52 26.11
CA SER B 124 10.44 14.39 26.15
C SER B 124 9.98 12.96 25.81
N ALA B 125 8.67 12.70 25.87
CA ALA B 125 8.17 11.31 25.72
C ALA B 125 7.85 11.07 24.25
N TYR B 126 8.90 11.21 23.44
CA TYR B 126 8.83 11.38 21.97
C TYR B 126 8.07 10.25 21.22
N TYR B 127 6.95 10.61 20.61
CA TYR B 127 6.08 9.63 19.97
C TYR B 127 6.73 8.85 18.82
N PRO B 128 7.44 9.54 17.89
CA PRO B 128 8.01 8.85 16.71
C PRO B 128 9.45 8.32 16.88
N PHE B 129 9.88 8.23 18.13
CA PHE B 129 11.26 7.83 18.49
C PHE B 129 11.80 6.58 17.77
N LEU B 130 11.00 5.51 17.79
CA LEU B 130 11.40 4.23 17.23
C LEU B 130 11.36 4.25 15.72
N GLN B 131 10.41 5.00 15.14
CA GLN B 131 10.36 5.15 13.69
C GLN B 131 11.60 5.91 13.18
N GLU B 132 12.16 6.81 14.00
CA GLU B 132 13.38 7.53 13.60
C GLU B 132 14.66 6.74 13.80
N LEU B 133 14.65 5.84 14.78
CA LEU B 133 15.74 4.89 14.94
C LEU B 133 15.78 3.95 13.74
N ALA B 134 14.63 3.80 13.08
CA ALA B 134 14.46 2.88 11.97
C ALA B 134 14.95 3.42 10.63
N LEU B 135 15.28 4.71 10.60
CA LEU B 135 15.60 5.37 9.32
C LEU B 135 16.99 4.95 8.85
N PRO B 136 17.24 5.07 7.51
CA PRO B 136 18.55 4.80 6.90
C PRO B 136 19.69 5.54 7.60
N ARG B 137 19.45 6.81 7.91
CA ARG B 137 20.47 7.64 8.57
C ARG B 137 19.78 8.72 9.41
N PRO B 138 20.41 9.16 10.50
CA PRO B 138 21.80 8.94 10.80
C PRO B 138 22.07 7.79 11.79
N PHE B 139 21.03 7.19 12.37
CA PHE B 139 21.23 6.33 13.54
C PHE B 139 21.50 4.86 13.27
N ARG B 140 22.47 4.58 12.39
CA ARG B 140 22.95 3.21 12.17
C ARG B 140 24.46 3.00 12.44
N PHE B 141 24.91 1.75 12.42
CA PHE B 141 26.14 1.38 13.12
C PHE B 141 27.26 0.90 12.27
N ILE B 142 28.30 1.73 12.24
CA ILE B 142 29.61 1.38 11.69
C ILE B 142 30.48 0.85 12.83
N ALA B 143 31.34 -0.11 12.53
CA ALA B 143 32.40 -0.54 13.45
C ALA B 143 33.19 0.67 13.99
N PRO B 144 33.20 0.87 15.32
CA PRO B 144 33.90 2.04 15.87
C PRO B 144 35.38 2.10 15.50
N SER B 145 35.95 0.98 15.07
CA SER B 145 37.35 0.92 14.63
C SER B 145 37.53 1.59 13.27
N GLN B 146 36.46 2.17 12.73
CA GLN B 146 36.53 2.83 11.43
C GLN B 146 36.31 4.34 11.56
N PHE B 147 36.03 4.76 12.79
CA PHE B 147 36.04 6.18 13.14
C PHE B 147 37.42 6.73 12.78
N LYS B 148 37.49 8.03 12.49
CA LYS B 148 38.75 8.72 12.32
C LYS B 148 38.91 9.63 13.52
N ASN B 149 39.96 9.40 14.30
CA ASN B 149 40.22 10.21 15.48
C ASN B 149 38.97 10.28 16.37
N HIS B 150 38.37 9.12 16.64
CA HIS B 150 37.21 9.02 17.54
C HIS B 150 35.95 9.81 17.11
N GLU B 151 35.89 10.23 15.84
CA GLU B 151 34.71 10.88 15.24
C GLU B 151 34.28 10.12 13.98
N THR B 152 33.10 10.46 13.43
CA THR B 152 32.75 10.01 12.07
C THR B 152 32.43 11.20 11.18
N MET B 153 32.20 12.35 11.81
CA MET B 153 31.76 13.58 11.16
C MET B 153 32.75 14.17 10.16
N ASN B 154 34.03 13.84 10.30
CA ASN B 154 35.06 14.32 9.39
C ASN B 154 35.48 13.16 8.51
N GLY B 155 34.65 12.12 8.50
CA GLY B 155 34.91 10.96 7.66
C GLY B 155 35.18 9.66 8.37
N ILE B 156 35.30 8.60 7.56
CA ILE B 156 35.50 7.23 8.08
C ILE B 156 36.62 6.58 7.32
N LYS B 157 36.97 5.35 7.72
CA LYS B 157 38.01 4.60 7.02
C LYS B 157 37.35 3.68 6.04
N ALA B 158 37.10 2.43 6.44
CA ALA B 158 36.30 1.52 5.64
C ALA B 158 34.82 1.49 6.07
N PRO B 159 33.88 1.52 5.10
CA PRO B 159 32.44 1.50 5.41
C PRO B 159 31.93 0.15 5.95
N ILE B 160 32.29 -0.16 7.18
CA ILE B 160 32.12 -1.49 7.73
C ILE B 160 30.86 -1.53 8.60
N GLY B 161 29.80 -2.12 8.06
CA GLY B 161 28.54 -2.24 8.79
C GLY B 161 28.29 -3.69 9.17
N THR B 162 27.08 -3.94 9.69
CA THR B 162 26.61 -5.28 10.06
C THR B 162 25.61 -5.83 9.02
N GLY B 163 25.39 -5.11 7.93
CA GLY B 163 24.28 -5.45 7.03
C GLY B 163 24.57 -6.65 6.14
N PRO B 164 23.58 -7.03 5.31
CA PRO B 164 23.83 -8.20 4.47
C PRO B 164 24.64 -7.91 3.19
N TRP B 165 25.21 -6.71 3.04
CA TRP B 165 26.01 -6.36 1.84
C TRP B 165 27.29 -5.58 2.17
N ILE B 166 28.35 -5.82 1.41
CA ILE B 166 29.64 -5.19 1.63
C ILE B 166 30.02 -4.34 0.40
N LEU B 167 30.36 -3.07 0.61
CA LEU B 167 30.85 -2.36 -0.54
C LEU B 167 32.24 -2.93 -0.81
N GLN B 168 32.45 -3.35 -2.06
CA GLN B 168 33.68 -4.03 -2.42
C GLN B 168 34.61 -3.20 -3.31
N GLU B 169 34.00 -2.46 -4.23
CA GLU B 169 34.74 -1.71 -5.22
C GLU B 169 33.85 -0.56 -5.69
N SER B 170 34.51 0.45 -6.21
CA SER B 170 33.98 1.77 -6.35
C SER B 170 34.91 2.51 -7.32
N LYS B 171 34.39 2.81 -8.50
CA LYS B 171 35.10 3.63 -9.47
C LYS B 171 34.20 4.76 -9.82
N LEU B 172 34.66 5.97 -9.55
CA LEU B 172 33.91 7.20 -9.80
C LEU B 172 32.73 7.09 -10.78
N ASN B 173 32.80 7.78 -11.90
CA ASN B 173 31.58 7.89 -12.73
C ASN B 173 31.24 6.59 -13.46
N GLN B 174 31.46 5.48 -12.77
CA GLN B 174 31.48 4.19 -13.42
C GLN B 174 30.57 3.15 -12.74
N TYR B 175 30.96 2.69 -11.56
CA TYR B 175 30.22 1.61 -10.89
C TYR B 175 30.53 1.50 -9.41
N ASP B 176 29.65 0.84 -8.67
CA ASP B 176 29.92 0.41 -7.32
C ASP B 176 29.48 -1.07 -7.24
N VAL B 177 30.24 -1.87 -6.51
CA VAL B 177 30.09 -3.33 -6.55
C VAL B 177 29.84 -3.80 -5.12
N PHE B 178 28.81 -4.57 -4.90
CA PHE B 178 28.61 -5.07 -3.59
C PHE B 178 28.67 -6.57 -3.62
N VAL B 179 29.18 -7.16 -2.57
CA VAL B 179 29.10 -8.58 -2.45
C VAL B 179 28.42 -8.78 -1.17
N ARG B 180 28.00 -10.02 -0.96
CA ARG B 180 27.19 -10.39 0.18
C ARG B 180 28.03 -10.76 1.38
N ASN B 181 27.48 -10.47 2.55
CA ASN B 181 28.11 -10.76 3.81
C ASN B 181 27.87 -12.19 4.17
N GLU B 182 28.94 -12.97 4.10
CA GLU B 182 28.85 -14.41 4.28
C GLU B 182 28.77 -14.70 5.78
N ASN B 183 29.02 -13.65 6.57
CA ASN B 183 29.00 -13.73 8.01
C ASN B 183 27.89 -12.90 8.61
N TYR B 184 26.72 -12.98 7.97
CA TYR B 184 25.58 -12.18 8.34
C TYR B 184 24.73 -12.82 9.44
N TRP B 185 24.31 -12.00 10.40
CA TRP B 185 23.70 -12.48 11.62
C TRP B 185 22.30 -13.06 11.41
N GLY B 186 21.59 -12.52 10.41
CA GLY B 186 20.26 -12.99 10.02
C GLY B 186 20.39 -13.85 8.78
N GLU B 187 19.36 -13.83 7.93
CA GLU B 187 19.31 -14.70 6.74
C GLU B 187 20.15 -14.20 5.57
N LYS B 188 20.82 -15.13 4.89
CA LYS B 188 21.75 -14.87 3.78
C LYS B 188 21.02 -14.47 2.50
N PRO B 189 21.40 -13.33 1.87
CA PRO B 189 20.89 -13.01 0.54
C PRO B 189 21.12 -14.16 -0.42
N ALA B 190 20.20 -14.37 -1.36
CA ALA B 190 20.39 -15.40 -2.38
C ALA B 190 21.27 -14.90 -3.52
N ILE B 191 21.36 -13.59 -3.66
CA ILE B 191 22.23 -12.96 -4.66
C ILE B 191 23.60 -12.77 -4.02
N LYS B 192 24.64 -13.11 -4.78
CA LYS B 192 26.01 -13.08 -4.29
C LYS B 192 26.66 -11.72 -4.52
N LYS B 193 26.36 -11.14 -5.68
CA LYS B 193 26.94 -9.85 -6.07
C LYS B 193 25.89 -9.05 -6.81
N ILE B 194 25.82 -7.77 -6.47
CA ILE B 194 25.05 -6.74 -7.18
C ILE B 194 26.05 -5.69 -7.62
N THR B 195 26.01 -5.34 -8.90
CA THR B 195 26.86 -4.28 -9.49
C THR B 195 25.99 -3.08 -9.89
N PHE B 196 26.30 -1.88 -9.41
CA PHE B 196 25.53 -0.71 -9.86
C PHE B 196 26.32 0.07 -10.92
N ASN B 197 25.85 0.05 -12.16
CA ASN B 197 26.46 0.92 -13.17
C ASN B 197 25.92 2.34 -13.01
N VAL B 198 26.82 3.32 -13.11
CA VAL B 198 26.44 4.74 -13.03
C VAL B 198 25.88 5.19 -14.38
N ILE B 199 24.58 5.45 -14.40
CA ILE B 199 23.90 5.88 -15.64
C ILE B 199 22.95 7.03 -15.29
N PRO B 200 23.38 8.28 -15.52
CA PRO B 200 22.59 9.45 -15.12
C PRO B 200 21.36 9.66 -16.00
N ASP B 201 21.42 9.20 -17.24
CA ASP B 201 20.35 9.40 -18.21
C ASP B 201 19.24 8.32 -18.06
N PRO B 202 17.96 8.73 -17.89
CA PRO B 202 16.86 7.72 -17.75
C PRO B 202 16.63 6.96 -19.04
N THR B 203 16.82 7.67 -20.14
CA THR B 203 16.82 7.14 -21.49
C THR B 203 17.93 6.08 -21.67
N THR B 204 19.14 6.36 -21.23
CA THR B 204 20.22 5.39 -21.27
C THR B 204 19.95 4.22 -20.32
N ARG B 205 19.40 4.50 -19.13
CA ARG B 205 18.94 3.43 -18.24
C ARG B 205 18.02 2.43 -18.94
N ALA B 206 17.15 2.96 -19.80
CA ALA B 206 16.15 2.14 -20.46
C ALA B 206 16.82 1.26 -21.48
N VAL B 207 17.77 1.81 -22.22
CA VAL B 207 18.44 1.05 -23.23
C VAL B 207 19.28 -0.05 -22.58
N ALA B 208 20.02 0.31 -21.52
CA ALA B 208 20.87 -0.64 -20.78
C ALA B 208 20.06 -1.84 -20.28
N PHE B 209 18.82 -1.59 -19.89
CA PHE B 209 17.94 -2.68 -19.52
C PHE B 209 17.42 -3.47 -20.75
N GLU B 210 16.83 -2.75 -21.72
CA GLU B 210 16.27 -3.43 -22.88
C GLU B 210 17.29 -4.33 -23.63
N THR B 211 18.58 -3.97 -23.60
CA THR B 211 19.64 -4.79 -24.26
C THR B 211 20.14 -5.93 -23.40
N GLY B 212 19.75 -5.94 -22.12
CA GLY B 212 20.18 -6.96 -21.19
C GLY B 212 21.46 -6.63 -20.45
N ASP B 213 22.06 -5.47 -20.69
CA ASP B 213 23.26 -5.10 -19.92
C ASP B 213 22.98 -5.02 -18.43
N ILE B 214 21.82 -4.50 -18.04
CA ILE B 214 21.44 -4.55 -16.62
C ILE B 214 20.20 -5.44 -16.47
N ASP B 215 19.92 -5.89 -15.24
CA ASP B 215 18.81 -6.81 -14.98
C ASP B 215 17.58 -6.21 -14.26
N LEU B 216 17.80 -5.12 -13.52
CA LEU B 216 16.84 -4.62 -12.57
C LEU B 216 16.84 -3.10 -12.56
N LEU B 217 15.66 -2.48 -12.50
CA LEU B 217 15.56 -1.05 -12.24
C LEU B 217 14.48 -0.84 -11.22
N TYR B 218 14.76 -0.04 -10.19
CA TYR B 218 13.82 0.13 -9.06
C TYR B 218 13.94 1.60 -8.67
N GLY B 219 12.85 2.36 -8.85
CA GLY B 219 12.90 3.78 -8.53
C GLY B 219 11.56 4.44 -8.65
N ASN B 220 11.55 5.77 -8.63
CA ASN B 220 10.33 6.55 -8.68
C ASN B 220 9.96 7.01 -10.10
N GLU B 221 9.11 8.03 -10.26
CA GLU B 221 8.67 8.44 -11.61
C GLU B 221 9.79 8.88 -12.58
N GLY B 222 10.99 9.10 -12.05
CA GLY B 222 12.10 9.50 -12.90
C GLY B 222 12.99 8.34 -13.34
N LEU B 223 12.60 7.12 -12.98
CA LEU B 223 13.41 5.95 -13.23
C LEU B 223 13.80 5.80 -14.73
N LEU B 224 12.85 6.01 -15.62
CA LEU B 224 13.06 5.77 -17.05
C LEU B 224 11.90 6.44 -17.78
N PRO B 225 12.01 6.68 -19.09
CA PRO B 225 10.87 7.48 -19.61
C PRO B 225 9.59 6.67 -19.51
N LEU B 226 8.52 7.33 -19.11
CA LEU B 226 7.30 6.62 -18.82
C LEU B 226 6.66 5.97 -20.07
N ASP B 227 6.82 6.59 -21.24
CA ASP B 227 6.34 5.94 -22.47
C ASP B 227 7.05 4.61 -22.69
N THR B 228 8.37 4.59 -22.47
CA THR B 228 9.12 3.35 -22.61
C THR B 228 8.62 2.33 -21.57
N PHE B 229 8.39 2.81 -20.35
CA PHE B 229 7.74 1.99 -19.38
C PHE B 229 6.42 1.34 -19.89
N ALA B 230 5.49 2.14 -20.41
CA ALA B 230 4.23 1.62 -20.92
C ALA B 230 4.46 0.52 -21.93
N ARG B 231 5.41 0.72 -22.84
CA ARG B 231 5.68 -0.27 -23.86
C ARG B 231 6.27 -1.55 -23.26
N PHE B 232 7.15 -1.43 -22.25
CA PHE B 232 7.79 -2.63 -21.62
C PHE B 232 6.68 -3.48 -21.00
N SER B 233 5.73 -2.80 -20.35
CA SER B 233 4.62 -3.46 -19.66
C SER B 233 3.80 -4.35 -20.59
N GLN B 234 3.82 -4.05 -21.90
CA GLN B 234 3.05 -4.78 -22.94
C GLN B 234 3.77 -6.02 -23.49
N ASN B 235 5.01 -6.24 -23.08
CA ASN B 235 5.86 -7.19 -23.78
C ASN B 235 6.39 -8.18 -22.80
N PRO B 236 6.06 -9.46 -23.00
CA PRO B 236 6.45 -10.52 -22.03
C PRO B 236 7.96 -10.81 -21.99
N ALA B 237 8.69 -10.28 -22.96
CA ALA B 237 10.15 -10.26 -22.92
C ALA B 237 10.63 -9.47 -21.68
N TYR B 238 9.80 -8.56 -21.18
CA TYR B 238 10.14 -7.81 -19.97
C TYR B 238 9.21 -8.06 -18.78
N HIS B 239 9.58 -7.53 -17.63
CA HIS B 239 8.68 -7.48 -16.49
C HIS B 239 8.64 -6.05 -15.93
N THR B 240 7.43 -5.53 -15.76
CA THR B 240 7.19 -4.26 -15.08
C THR B 240 6.22 -4.38 -13.88
N GLN B 241 6.40 -3.47 -12.92
CA GLN B 241 5.52 -3.38 -11.76
C GLN B 241 5.35 -1.91 -11.47
N LEU B 242 4.23 -1.61 -10.81
CA LEU B 242 3.97 -0.26 -10.40
C LEU B 242 3.31 -0.40 -9.03
N SER B 243 3.86 0.23 -7.99
CA SER B 243 3.25 0.14 -6.65
C SER B 243 2.03 1.07 -6.52
N GLN B 244 1.39 1.02 -5.37
CA GLN B 244 0.45 2.07 -4.99
C GLN B 244 1.24 3.32 -4.65
N PRO B 245 0.60 4.50 -4.76
CA PRO B 245 1.36 5.75 -4.57
C PRO B 245 2.15 5.82 -3.26
N ILE B 246 3.32 6.45 -3.30
CA ILE B 246 4.20 6.46 -2.09
C ILE B 246 4.40 7.86 -1.49
N GLU B 247 4.28 8.90 -2.30
CA GLU B 247 4.60 10.28 -1.88
C GLU B 247 4.04 11.31 -2.88
N THR B 248 4.14 12.59 -2.54
CA THR B 248 3.55 13.61 -3.38
C THR B 248 4.66 14.32 -4.08
N VAL B 249 4.41 14.69 -5.33
CA VAL B 249 5.23 15.59 -6.10
C VAL B 249 4.34 16.80 -6.35
N MET B 250 4.92 17.99 -6.26
CA MET B 250 4.15 19.20 -6.20
C MET B 250 5.05 20.42 -6.45
N LEU B 251 4.45 21.60 -6.57
CA LEU B 251 5.24 22.83 -6.55
C LEU B 251 5.15 23.46 -5.18
N ALA B 252 6.26 24.03 -4.75
CA ALA B 252 6.26 24.96 -3.61
C ALA B 252 6.21 26.42 -4.15
N LEU B 253 5.28 27.20 -3.62
CA LEU B 253 5.15 28.61 -4.01
C LEU B 253 5.70 29.52 -2.89
N ASN B 254 6.56 30.47 -3.25
CA ASN B 254 7.19 31.34 -2.26
C ASN B 254 6.21 32.39 -1.75
N THR B 255 5.69 32.18 -0.55
CA THR B 255 4.67 33.07 -0.01
C THR B 255 5.26 34.43 0.38
N ALA B 256 6.60 34.55 0.34
CA ALA B 256 7.30 35.80 0.65
C ALA B 256 7.96 36.42 -0.57
N LYS B 257 7.54 36.06 -1.78
CA LYS B 257 8.10 36.72 -2.96
C LYS B 257 7.01 37.11 -3.97
N ALA B 258 7.03 38.38 -4.42
CA ALA B 258 6.02 38.86 -5.38
C ALA B 258 6.09 38.05 -6.69
N PRO B 259 4.95 37.69 -7.30
CA PRO B 259 3.59 37.88 -6.83
C PRO B 259 2.96 36.67 -6.12
N THR B 260 3.71 35.58 -5.90
CA THR B 260 3.17 34.41 -5.16
C THR B 260 3.02 34.73 -3.66
N ASN B 261 3.54 35.87 -3.27
CA ASN B 261 3.37 36.36 -1.94
C ASN B 261 1.89 36.63 -1.65
N GLU B 262 1.07 36.71 -2.69
CA GLU B 262 -0.37 37.04 -2.56
C GLU B 262 -1.25 35.80 -2.56
N LEU B 263 -2.07 35.62 -1.51
CA LEU B 263 -2.90 34.41 -1.37
C LEU B 263 -3.72 34.12 -2.61
N ALA B 264 -4.37 35.15 -3.15
CA ALA B 264 -5.20 35.02 -4.34
C ALA B 264 -4.40 34.57 -5.55
N VAL B 265 -3.16 35.03 -5.67
CA VAL B 265 -2.35 34.51 -6.75
C VAL B 265 -2.14 33.00 -6.56
N ARG B 266 -1.71 32.60 -5.36
CA ARG B 266 -1.49 31.17 -5.10
C ARG B 266 -2.76 30.34 -5.31
N GLU B 267 -3.91 30.92 -4.96
CA GLU B 267 -5.17 30.25 -5.10
C GLU B 267 -5.49 30.06 -6.57
N ALA B 268 -5.22 31.08 -7.39
CA ALA B 268 -5.43 30.93 -8.85
C ALA B 268 -4.53 29.85 -9.41
N LEU B 269 -3.29 29.81 -8.95
CA LEU B 269 -2.37 28.85 -9.54
C LEU B 269 -2.94 27.46 -9.30
N ASN B 270 -3.47 27.22 -8.12
CA ASN B 270 -4.12 25.98 -7.77
C ASN B 270 -5.40 25.61 -8.57
N TYR B 271 -5.88 26.50 -9.44
CA TYR B 271 -7.02 26.24 -10.31
C TYR B 271 -6.60 26.15 -11.76
N ALA B 272 -5.36 26.56 -12.01
CA ALA B 272 -4.85 26.75 -13.37
C ALA B 272 -4.38 25.50 -14.11
N VAL B 273 -3.93 24.49 -13.38
CA VAL B 273 -3.28 23.39 -14.04
C VAL B 273 -4.26 22.28 -14.27
N ASN B 274 -4.26 21.76 -15.49
CA ASN B 274 -5.08 20.60 -15.82
C ASN B 274 -4.28 19.35 -15.48
N LYS B 275 -4.38 18.94 -14.23
CA LYS B 275 -3.57 17.86 -13.70
C LYS B 275 -3.80 16.55 -14.43
N LYS B 276 -5.04 16.19 -14.70
CA LYS B 276 -5.22 14.92 -15.40
C LYS B 276 -4.52 14.90 -16.78
N SER B 277 -4.63 16.00 -17.55
CA SER B 277 -3.96 16.02 -18.84
C SER B 277 -2.43 16.02 -18.69
N LEU B 278 -1.93 16.55 -17.57
CA LEU B 278 -0.49 16.57 -17.29
C LEU B 278 0.00 15.16 -17.05
N ILE B 279 -0.69 14.43 -16.19
CA ILE B 279 -0.36 13.07 -15.91
C ILE B 279 -0.21 12.37 -17.26
N ASP B 280 -1.21 12.53 -18.15
CA ASP B 280 -1.20 11.92 -19.52
C ASP B 280 -0.10 12.40 -20.49
N ASN B 281 0.30 13.65 -20.38
CA ASN B 281 1.25 14.21 -21.32
C ASN B 281 2.70 14.08 -20.90
N ALA B 282 2.98 14.33 -19.63
CA ALA B 282 4.33 14.16 -19.14
C ALA B 282 4.54 12.79 -18.48
N LEU B 283 3.44 12.16 -18.03
CA LEU B 283 3.54 10.96 -17.16
C LEU B 283 2.82 9.75 -17.73
N TYR B 284 2.28 9.94 -18.95
CA TYR B 284 1.77 8.84 -19.75
C TYR B 284 0.72 8.01 -18.99
N GLY B 285 -0.13 8.71 -18.24
CA GLY B 285 -1.18 8.10 -17.42
C GLY B 285 -0.78 7.08 -16.37
N THR B 286 0.44 7.18 -15.84
CA THR B 286 0.99 6.14 -14.92
C THR B 286 0.94 6.55 -13.45
N GLN B 287 0.58 7.80 -13.19
CA GLN B 287 0.54 8.31 -11.83
C GLN B 287 -0.86 8.82 -11.53
N GLN B 288 -1.06 9.28 -10.29
CA GLN B 288 -2.39 9.70 -9.83
C GLN B 288 -2.43 11.24 -9.59
N VAL B 289 -3.57 11.88 -9.88
CA VAL B 289 -3.81 13.32 -9.56
C VAL B 289 -3.69 13.55 -8.05
N ALA B 290 -2.95 14.57 -7.62
CA ALA B 290 -2.92 14.92 -6.20
C ALA B 290 -3.67 16.21 -5.92
N ASP B 291 -4.45 16.21 -4.86
CA ASP B 291 -5.25 17.39 -4.54
C ASP B 291 -4.74 18.12 -3.32
N THR B 292 -4.00 17.40 -2.46
CA THR B 292 -3.54 17.91 -1.20
C THR B 292 -2.09 17.49 -0.97
N LEU B 293 -1.45 18.16 0.00
CA LEU B 293 -0.02 17.93 0.29
C LEU B 293 0.27 16.46 0.57
N PHE B 294 -0.50 15.85 1.46
CA PHE B 294 -0.48 14.40 1.59
C PHE B 294 -1.76 13.76 1.03
N ALA B 295 -1.62 12.57 0.44
CA ALA B 295 -2.82 11.80 0.10
C ALA B 295 -3.70 11.49 1.34
N PRO B 296 -5.02 11.38 1.14
CA PRO B 296 -5.94 11.10 2.26
C PRO B 296 -5.56 9.82 3.00
N SER B 297 -4.90 8.91 2.32
CA SER B 297 -4.47 7.65 2.91
C SER B 297 -3.25 7.78 3.81
N VAL B 298 -2.54 8.92 3.73
CA VAL B 298 -1.36 9.17 4.59
C VAL B 298 -1.87 9.30 6.03
N PRO B 299 -1.09 8.76 6.98
CA PRO B 299 -1.50 8.80 8.39
C PRO B 299 -1.78 10.22 8.87
N TYR B 300 -2.86 10.39 9.63
CA TYR B 300 -3.29 11.68 10.18
C TYR B 300 -3.79 12.70 9.13
N ALA B 301 -3.98 12.26 7.90
CA ALA B 301 -4.23 13.22 6.80
C ALA B 301 -5.59 13.13 6.13
N ASN B 302 -6.46 12.26 6.61
CA ASN B 302 -7.76 12.12 5.98
C ASN B 302 -8.65 13.16 6.58
N LEU B 303 -8.60 14.36 6.03
CA LEU B 303 -9.16 15.51 6.71
C LEU B 303 -10.35 16.12 5.97
N GLY B 304 -10.66 15.60 4.78
CA GLY B 304 -11.70 16.15 3.94
C GLY B 304 -11.41 17.55 3.43
N LEU B 305 -10.12 17.89 3.31
CA LEU B 305 -9.72 19.17 2.71
C LEU B 305 -10.38 19.31 1.35
N LYS B 306 -10.77 20.53 0.99
CA LYS B 306 -11.50 20.77 -0.23
C LYS B 306 -10.50 20.87 -1.35
N PRO B 307 -10.65 20.04 -2.41
CA PRO B 307 -9.73 20.20 -3.56
C PRO B 307 -9.90 21.55 -4.30
N SER B 308 -8.87 21.93 -5.06
CA SER B 308 -9.01 22.95 -6.10
C SER B 308 -8.83 22.23 -7.43
N GLN B 309 -9.91 22.06 -8.17
CA GLN B 309 -9.81 21.36 -9.45
C GLN B 309 -9.50 22.28 -10.62
N TYR B 310 -9.39 21.71 -11.79
CA TYR B 310 -9.00 22.48 -12.94
C TYR B 310 -10.16 23.37 -13.43
N ASP B 311 -9.98 24.66 -13.29
CA ASP B 311 -11.03 25.60 -13.63
C ASP B 311 -10.42 26.96 -13.91
N PRO B 312 -9.99 27.17 -15.16
CA PRO B 312 -9.31 28.43 -15.50
C PRO B 312 -10.19 29.65 -15.21
N GLN B 313 -11.46 29.56 -15.54
CA GLN B 313 -12.44 30.60 -15.30
C GLN B 313 -12.45 31.08 -13.88
N LYS B 314 -12.60 30.15 -12.97
CA LYS B 314 -12.53 30.49 -11.54
C LYS B 314 -11.19 31.13 -11.15
N ALA B 315 -10.09 30.69 -11.76
CA ALA B 315 -8.78 31.26 -11.45
C ALA B 315 -8.70 32.74 -11.87
N LYS B 316 -9.17 32.99 -13.09
CA LYS B 316 -9.18 34.33 -13.70
C LYS B 316 -10.00 35.30 -12.86
N ALA B 317 -11.11 34.80 -12.33
CA ALA B 317 -12.01 35.56 -11.50
C ALA B 317 -11.37 35.87 -10.14
N LEU B 318 -10.59 34.93 -9.61
CA LEU B 318 -9.87 35.18 -8.35
C LEU B 318 -8.80 36.28 -8.55
N LEU B 319 -8.14 36.20 -9.69
CA LEU B 319 -7.11 37.14 -10.07
C LEU B 319 -7.66 38.54 -10.27
N GLU B 320 -8.65 38.66 -11.16
CA GLU B 320 -9.42 39.90 -11.35
C GLU B 320 -9.84 40.55 -10.02
N LYS B 321 -10.47 39.79 -9.14
CA LYS B 321 -10.94 40.33 -7.87
C LYS B 321 -9.81 40.98 -7.07
N ALA B 322 -8.67 40.31 -7.05
CA ALA B 322 -7.49 40.78 -6.31
C ALA B 322 -6.74 41.90 -7.05
N GLY B 323 -7.28 42.34 -8.20
CA GLY B 323 -6.74 43.50 -8.93
C GLY B 323 -5.70 43.23 -10.01
N TRP B 324 -5.56 41.96 -10.39
CA TRP B 324 -4.69 41.54 -11.48
C TRP B 324 -5.48 41.54 -12.78
N THR B 325 -5.35 42.58 -13.61
CA THR B 325 -6.20 42.71 -14.83
C THR B 325 -5.43 42.63 -16.13
N LEU B 326 -6.09 42.20 -17.20
CA LEU B 326 -5.51 42.26 -18.53
C LEU B 326 -5.60 43.74 -18.95
N PRO B 327 -4.43 44.40 -19.16
CA PRO B 327 -4.43 45.80 -19.58
C PRO B 327 -4.76 45.96 -21.07
N ALA B 328 -4.87 44.84 -21.79
CA ALA B 328 -5.45 44.80 -23.17
C ALA B 328 -4.74 45.65 -24.28
N GLY B 329 -4.63 45.11 -25.50
CA GLY B 329 -4.93 43.71 -25.84
C GLY B 329 -3.73 42.82 -25.51
N LYS B 330 -2.97 43.25 -24.49
CA LYS B 330 -1.92 42.48 -23.79
C LYS B 330 -2.51 41.23 -23.13
N ASP B 331 -1.70 40.18 -23.01
CA ASP B 331 -2.17 38.87 -22.54
C ASP B 331 -1.72 38.46 -21.12
N ILE B 332 -0.83 39.25 -20.54
CA ILE B 332 -0.37 39.02 -19.17
C ILE B 332 -0.92 40.09 -18.25
N ARG B 333 -1.54 39.65 -17.16
CA ARG B 333 -2.18 40.57 -16.21
C ARG B 333 -1.15 41.46 -15.55
N GLU B 334 -1.61 42.59 -15.04
CA GLU B 334 -0.73 43.63 -14.45
C GLU B 334 -1.45 44.10 -13.21
N LYS B 335 -0.70 44.49 -12.21
CA LYS B 335 -1.28 45.09 -11.01
C LYS B 335 -0.27 46.07 -10.41
N ASN B 336 -0.64 47.36 -10.43
CA ASN B 336 0.23 48.44 -9.90
C ASN B 336 1.63 48.54 -10.56
N GLY B 337 1.62 48.44 -11.87
CA GLY B 337 2.83 48.52 -12.64
C GLY B 337 3.70 47.31 -12.72
N GLN B 338 3.13 46.12 -12.64
CA GLN B 338 3.93 44.92 -12.67
C GLN B 338 3.19 43.76 -13.24
N PRO B 339 3.83 43.01 -14.11
CA PRO B 339 3.11 41.89 -14.72
C PRO B 339 3.02 40.67 -13.81
N LEU B 340 2.01 39.83 -14.06
CA LEU B 340 1.85 38.53 -13.41
C LEU B 340 2.92 37.57 -13.96
N ARG B 341 4.18 37.83 -13.59
CA ARG B 341 5.30 37.00 -14.05
C ARG B 341 5.87 36.25 -12.86
N ILE B 342 6.05 34.95 -13.00
CA ILE B 342 6.47 34.10 -11.88
C ILE B 342 7.60 33.19 -12.33
N GLU B 343 8.70 33.18 -11.57
CA GLU B 343 9.85 32.33 -11.93
C GLU B 343 9.71 30.86 -11.51
N LEU B 344 9.81 29.95 -12.50
CA LEU B 344 9.85 28.51 -12.21
C LEU B 344 11.29 27.99 -12.38
N SER B 345 11.96 27.73 -11.26
CA SER B 345 13.34 27.18 -11.21
C SER B 345 13.32 25.66 -11.13
N PHE B 346 13.97 25.03 -12.07
CA PHE B 346 14.07 23.59 -12.12
C PHE B 346 15.48 23.14 -12.56
N ILE B 347 15.80 21.85 -12.41
CA ILE B 347 17.05 21.29 -12.91
C ILE B 347 16.95 21.11 -14.42
N GLY B 348 17.75 21.90 -15.14
CA GLY B 348 17.66 21.99 -16.60
C GLY B 348 17.81 20.69 -17.37
N THR B 349 18.87 19.93 -17.05
CA THR B 349 19.12 18.59 -17.60
C THR B 349 17.99 17.56 -17.36
N ASP B 350 17.26 17.66 -16.23
CA ASP B 350 16.16 16.75 -15.84
C ASP B 350 14.99 16.84 -16.81
N ALA B 351 14.88 15.87 -17.71
CA ALA B 351 13.89 15.88 -18.80
C ALA B 351 12.42 15.98 -18.36
N LEU B 352 12.06 15.22 -17.33
CA LEU B 352 10.71 15.22 -16.78
C LEU B 352 10.32 16.52 -16.07
N SER B 353 11.26 17.12 -15.38
CA SER B 353 11.06 18.45 -14.85
C SER B 353 10.74 19.42 -16.00
N LYS B 354 11.62 19.45 -17.00
CA LYS B 354 11.50 20.40 -18.09
C LYS B 354 10.15 20.24 -18.77
N SER B 355 9.74 19.00 -18.97
CA SER B 355 8.50 18.81 -19.67
C SER B 355 7.32 19.18 -18.79
N MET B 356 7.34 18.79 -17.52
CA MET B 356 6.28 19.23 -16.63
C MET B 356 6.26 20.76 -16.58
N ALA B 357 7.42 21.40 -16.60
CA ALA B 357 7.47 22.87 -16.54
C ALA B 357 6.88 23.54 -17.75
N GLU B 358 7.06 22.95 -18.92
CA GLU B 358 6.43 23.49 -20.15
C GLU B 358 4.90 23.46 -20.10
N ILE B 359 4.34 22.34 -19.64
CA ILE B 359 2.90 22.18 -19.55
C ILE B 359 2.33 23.15 -18.52
N ILE B 360 3.02 23.26 -17.38
CA ILE B 360 2.58 24.12 -16.32
C ILE B 360 2.47 25.55 -16.83
N GLN B 361 3.46 25.95 -17.62
CA GLN B 361 3.55 27.30 -18.17
C GLN B 361 2.46 27.58 -19.21
N ALA B 362 2.17 26.60 -20.06
CA ALA B 362 1.10 26.77 -21.02
C ALA B 362 -0.22 26.90 -20.25
N ASP B 363 -0.43 26.09 -19.22
CA ASP B 363 -1.67 26.23 -18.47
C ASP B 363 -1.76 27.57 -17.76
N MET B 364 -0.68 28.01 -17.16
CA MET B 364 -0.75 29.27 -16.44
C MET B 364 -0.89 30.45 -17.39
N ARG B 365 -0.39 30.32 -18.62
CA ARG B 365 -0.55 31.39 -19.60
C ARG B 365 -2.05 31.61 -19.95
N GLN B 366 -2.81 30.51 -20.00
CA GLN B 366 -4.26 30.52 -20.22
C GLN B 366 -5.05 31.36 -19.20
N ILE B 367 -4.45 31.61 -18.02
CA ILE B 367 -5.08 32.42 -16.97
C ILE B 367 -4.41 33.79 -16.81
N GLY B 368 -3.57 34.17 -17.77
CA GLY B 368 -2.85 35.45 -17.70
C GLY B 368 -1.60 35.50 -16.81
N ALA B 369 -0.97 34.37 -16.54
CA ALA B 369 0.25 34.36 -15.74
C ALA B 369 1.41 33.89 -16.60
N ASP B 370 2.46 34.70 -16.65
CA ASP B 370 3.65 34.44 -17.44
C ASP B 370 4.71 33.67 -16.64
N VAL B 371 4.75 32.35 -16.77
CA VAL B 371 5.77 31.55 -16.08
C VAL B 371 7.12 31.60 -16.84
N SER B 372 8.14 32.08 -16.15
CA SER B 372 9.49 32.07 -16.68
C SER B 372 10.12 30.76 -16.30
N LEU B 373 10.63 30.04 -17.30
CA LEU B 373 11.28 28.76 -17.12
C LEU B 373 12.78 28.93 -16.90
N ILE B 374 13.22 28.68 -15.68
CA ILE B 374 14.64 28.86 -15.35
C ILE B 374 15.31 27.48 -15.23
N GLY B 375 15.92 27.01 -16.31
CA GLY B 375 16.61 25.72 -16.27
C GLY B 375 17.99 25.99 -15.73
N GLU B 376 18.35 25.36 -14.60
CA GLU B 376 19.70 25.55 -14.05
C GLU B 376 20.41 24.24 -13.72
N GLU B 377 21.64 24.37 -13.24
CA GLU B 377 22.44 23.25 -12.75
C GLU B 377 22.00 22.96 -11.32
N GLU B 378 21.97 21.67 -10.98
CA GLU B 378 21.56 21.20 -9.65
C GLU B 378 22.12 22.02 -8.48
N SER B 379 23.40 22.38 -8.50
CA SER B 379 23.94 23.05 -7.33
C SER B 379 23.37 24.46 -7.19
N SER B 380 22.91 25.02 -8.30
CA SER B 380 22.35 26.36 -8.31
C SER B 380 20.90 26.35 -7.84
N ILE B 381 20.19 25.26 -8.12
CA ILE B 381 18.84 25.03 -7.59
C ILE B 381 18.89 24.86 -6.05
N TYR B 382 19.81 23.99 -5.60
CA TYR B 382 20.07 23.80 -4.19
C TYR B 382 20.20 25.13 -3.44
N ALA B 383 21.15 25.95 -3.87
CA ALA B 383 21.38 27.27 -3.30
C ALA B 383 20.15 28.17 -3.37
N ARG B 384 19.46 28.18 -4.51
CA ARG B 384 18.16 28.89 -4.60
C ARG B 384 17.15 28.42 -3.53
N GLN B 385 17.04 27.11 -3.34
CA GLN B 385 16.19 26.56 -2.33
C GLN B 385 16.65 26.99 -0.93
N ARG B 386 17.98 26.94 -0.68
CA ARG B 386 18.50 27.29 0.65
C ARG B 386 18.25 28.75 0.97
N ASP B 387 18.40 29.61 -0.03
CA ASP B 387 18.34 31.06 0.16
C ASP B 387 16.95 31.62 -0.06
N GLY B 388 16.01 30.80 -0.51
CA GLY B 388 14.67 31.28 -0.82
C GLY B 388 14.55 32.17 -2.06
N ARG B 389 15.54 32.08 -2.97
CA ARG B 389 15.51 32.81 -4.25
C ARG B 389 14.76 32.01 -5.32
N PHE B 390 13.44 32.05 -5.25
CA PHE B 390 12.61 31.35 -6.21
C PHE B 390 11.19 31.86 -6.10
N GLY B 391 10.45 31.68 -7.19
CA GLY B 391 9.03 31.92 -7.23
C GLY B 391 8.29 30.62 -6.98
N MET B 392 8.52 29.62 -7.83
CA MET B 392 8.00 28.25 -7.68
C MET B 392 9.16 27.27 -7.92
N ILE B 393 9.08 26.11 -7.27
CA ILE B 393 10.03 25.01 -7.51
C ILE B 393 9.32 23.68 -7.45
N PHE B 394 9.87 22.71 -8.15
CA PHE B 394 9.40 21.36 -7.97
C PHE B 394 9.82 20.84 -6.59
N HIS B 395 8.95 20.05 -5.99
CA HIS B 395 9.22 19.57 -4.66
C HIS B 395 8.48 18.24 -4.46
N ARG B 396 8.68 17.57 -3.31
CA ARG B 396 8.12 16.25 -3.10
C ARG B 396 8.15 15.81 -1.64
N THR B 397 7.15 15.04 -1.23
CA THR B 397 7.15 14.50 0.13
C THR B 397 8.07 13.29 0.11
N TRP B 398 8.20 12.64 1.26
CA TRP B 398 9.35 11.78 1.54
C TRP B 398 9.06 10.28 1.55
N GLY B 399 7.79 9.89 1.55
CA GLY B 399 7.44 8.50 1.62
C GLY B 399 7.52 8.01 3.05
N ALA B 400 7.03 6.79 3.28
CA ALA B 400 7.08 6.18 4.61
C ALA B 400 8.55 5.93 4.99
N PRO B 401 8.92 6.12 6.28
CA PRO B 401 8.09 6.49 7.41
C PRO B 401 8.15 7.98 7.69
N TYR B 402 8.65 8.75 6.73
CA TYR B 402 8.79 10.20 6.89
C TYR B 402 7.43 10.93 6.90
N ASP B 403 6.49 10.47 6.07
CA ASP B 403 5.23 11.21 5.86
C ASP B 403 4.12 10.84 6.88
N PRO B 404 3.55 11.84 7.58
CA PRO B 404 3.86 13.23 7.43
C PRO B 404 4.77 13.82 8.49
N HIS B 405 5.03 13.07 9.56
CA HIS B 405 5.65 13.69 10.73
C HIS B 405 7.01 14.31 10.46
N ALA B 406 7.88 13.61 9.74
CA ALA B 406 9.26 14.06 9.52
C ALA B 406 9.35 15.18 8.49
N PHE B 407 8.52 15.10 7.45
CA PHE B 407 8.34 16.22 6.51
C PHE B 407 7.92 17.52 7.22
N LEU B 408 6.92 17.45 8.08
CA LEU B 408 6.51 18.60 8.86
C LEU B 408 7.60 19.14 9.78
N SER B 409 8.33 18.25 10.44
CA SER B 409 9.28 18.65 11.45
C SER B 409 10.36 19.42 10.76
N SER B 410 10.69 18.94 9.57
CA SER B 410 11.74 19.51 8.79
C SER B 410 11.42 20.97 8.32
N MET B 411 10.12 21.30 8.18
CA MET B 411 9.70 22.67 7.78
C MET B 411 10.23 23.78 8.72
N ARG B 412 10.70 23.38 9.88
CA ARG B 412 11.11 24.32 10.89
C ARG B 412 12.57 24.75 10.70
N VAL B 413 13.30 23.98 9.88
CA VAL B 413 14.71 24.24 9.65
C VAL B 413 14.85 25.39 8.68
N PRO B 414 15.46 26.52 9.14
CA PRO B 414 15.71 27.60 8.18
C PRO B 414 16.86 27.14 7.30
N SER B 415 16.70 27.19 5.98
CA SER B 415 17.68 26.59 5.04
C SER B 415 17.05 25.52 4.19
N HIS B 416 15.84 25.13 4.58
CA HIS B 416 15.02 24.25 3.79
C HIS B 416 14.07 25.09 2.93
N ALA B 417 13.90 24.66 1.69
CA ALA B 417 12.88 25.16 0.79
C ALA B 417 11.52 25.40 1.45
N ASP B 418 10.99 24.37 2.12
CA ASP B 418 9.73 24.48 2.80
C ASP B 418 9.75 25.62 3.80
N PHE B 419 10.80 25.75 4.61
CA PHE B 419 10.90 26.92 5.51
C PHE B 419 10.77 28.21 4.70
N GLN B 420 11.53 28.31 3.63
CA GLN B 420 11.61 29.54 2.82
C GLN B 420 10.30 29.94 2.12
N ALA B 421 9.63 28.93 1.58
CA ALA B 421 8.35 29.09 0.91
C ALA B 421 7.30 29.64 1.86
N GLN B 422 7.44 29.34 3.15
CA GLN B 422 6.44 29.62 4.17
C GLN B 422 6.64 30.96 4.88
N GLN B 423 7.74 31.63 4.58
CA GLN B 423 8.20 32.78 5.35
C GLN B 423 7.31 34.02 5.23
N GLY B 424 6.47 34.06 4.21
CA GLY B 424 5.52 35.15 4.03
C GLY B 424 4.19 34.98 4.75
N LEU B 425 4.05 33.92 5.55
CA LEU B 425 2.81 33.57 6.23
C LEU B 425 2.76 34.15 7.62
N ALA B 426 1.78 35.01 7.83
CA ALA B 426 1.47 35.56 9.13
C ALA B 426 1.47 34.44 10.21
N ASP B 427 0.86 33.28 9.94
CA ASP B 427 0.88 32.21 10.94
C ASP B 427 2.08 31.23 10.90
N LYS B 428 3.16 31.58 10.19
CA LYS B 428 4.35 30.70 10.16
C LYS B 428 4.87 30.34 11.56
N PRO B 429 5.03 31.35 12.42
CA PRO B 429 5.43 31.13 13.83
C PRO B 429 4.50 30.13 14.54
N LEU B 430 3.20 30.40 14.44
CA LEU B 430 2.20 29.46 14.92
C LEU B 430 2.37 28.01 14.38
N ILE B 431 2.46 27.83 13.06
CA ILE B 431 2.64 26.51 12.47
C ILE B 431 3.85 25.80 13.09
N ASP B 432 5.01 26.47 13.07
CA ASP B 432 6.25 25.89 13.65
C ASP B 432 6.12 25.57 15.14
N LYS B 433 5.34 26.37 15.87
CA LYS B 433 5.08 26.09 17.28
C LYS B 433 4.30 24.74 17.40
N GLU B 434 3.17 24.66 16.67
CA GLU B 434 2.32 23.46 16.66
C GLU B 434 3.03 22.21 16.15
N ILE B 435 3.79 22.33 15.06
CA ILE B 435 4.66 21.23 14.63
C ILE B 435 5.47 20.73 15.82
N GLY B 436 6.01 21.64 16.63
CA GLY B 436 6.81 21.27 17.81
C GLY B 436 6.01 20.40 18.76
N GLU B 437 4.77 20.83 19.01
CA GLU B 437 3.85 20.10 19.85
C GLU B 437 3.32 18.75 19.34
N VAL B 438 2.91 18.63 18.06
CA VAL B 438 2.48 17.29 17.59
C VAL B 438 3.50 16.21 17.89
N LEU B 439 4.76 16.59 17.83
CA LEU B 439 5.83 15.63 17.88
C LEU B 439 5.97 15.14 19.29
N ALA B 440 5.77 16.04 20.24
CA ALA B 440 6.10 15.80 21.64
C ALA B 440 4.91 15.30 22.39
N THR B 441 3.73 15.67 21.93
CA THR B 441 2.53 15.46 22.71
C THR B 441 2.22 14.02 23.01
N HIS B 442 1.50 13.90 24.10
CA HIS B 442 1.23 12.68 24.83
C HIS B 442 -0.25 12.36 24.55
N ASP B 443 -1.04 13.41 24.32
CA ASP B 443 -2.46 13.28 24.05
C ASP B 443 -2.76 13.01 22.58
N GLU B 444 -3.20 11.80 22.28
CA GLU B 444 -3.67 11.43 20.93
C GLU B 444 -4.73 12.35 20.34
N THR B 445 -5.70 12.77 21.15
CA THR B 445 -6.73 13.64 20.68
C THR B 445 -6.13 14.97 20.19
N GLN B 446 -5.27 15.55 21.04
CA GLN B 446 -4.55 16.78 20.71
C GLN B 446 -3.66 16.59 19.48
N ARG B 447 -2.86 15.51 19.46
CA ARG B 447 -2.05 15.18 18.29
C ARG B 447 -2.84 15.34 16.99
N GLN B 448 -4.06 14.78 16.94
CA GLN B 448 -4.87 14.78 15.73
C GLN B 448 -5.37 16.20 15.36
N ALA B 449 -5.88 16.91 16.36
CA ALA B 449 -6.23 18.33 16.23
C ALA B 449 -5.08 19.21 15.70
N LEU B 450 -3.85 18.95 16.13
CA LEU B 450 -2.72 19.75 15.68
C LEU B 450 -2.35 19.44 14.21
N TYR B 451 -2.24 18.15 13.89
CA TYR B 451 -2.02 17.73 12.49
C TYR B 451 -3.08 18.36 11.61
N ARG B 452 -4.36 18.27 12.03
CA ARG B 452 -5.46 18.92 11.26
C ARG B 452 -5.18 20.40 11.05
N ASP B 453 -4.89 21.10 12.14
CA ASP B 453 -4.63 22.53 12.07
C ASP B 453 -3.45 22.90 11.17
N ILE B 454 -2.31 22.18 11.30
CA ILE B 454 -1.14 22.47 10.48
C ILE B 454 -1.45 22.26 9.00
N LEU B 455 -1.91 21.08 8.65
CA LEU B 455 -2.23 20.73 7.24
C LEU B 455 -3.33 21.59 6.61
N THR B 456 -4.35 21.95 7.39
CA THR B 456 -5.43 22.76 6.85
C THR B 456 -4.94 24.16 6.55
N ARG B 457 -4.17 24.74 7.49
CA ARG B 457 -3.50 26.03 7.25
C ARG B 457 -2.64 26.02 5.98
N LEU B 458 -1.75 25.03 5.89
CA LEU B 458 -0.90 24.88 4.73
C LEU B 458 -1.71 24.76 3.44
N HIS B 459 -2.86 24.09 3.55
CA HIS B 459 -3.76 23.92 2.41
C HIS B 459 -4.54 25.20 2.09
N ASP B 460 -5.25 25.78 3.06
CA ASP B 460 -5.95 27.06 2.86
C ASP B 460 -5.05 28.19 2.34
N GLU B 461 -3.81 28.21 2.82
CA GLU B 461 -2.87 29.26 2.56
C GLU B 461 -2.17 28.95 1.19
N ALA B 462 -2.51 27.80 0.60
CA ALA B 462 -2.03 27.44 -0.75
C ALA B 462 -0.51 27.57 -0.95
N VAL B 463 0.27 27.18 0.05
CA VAL B 463 1.73 27.19 -0.07
C VAL B 463 2.17 26.31 -1.26
N TYR B 464 1.42 25.22 -1.48
CA TYR B 464 1.81 24.19 -2.44
C TYR B 464 0.85 24.15 -3.57
N LEU B 465 1.31 23.55 -4.68
CA LEU B 465 0.44 23.20 -5.78
C LEU B 465 0.67 21.72 -6.02
N PRO B 466 -0.12 20.85 -5.35
CA PRO B 466 0.00 19.41 -5.47
C PRO B 466 -0.29 18.98 -6.89
N ILE B 467 0.55 18.10 -7.43
CA ILE B 467 0.45 17.68 -8.83
C ILE B 467 -0.01 16.23 -8.91
N SER B 468 0.77 15.32 -8.31
CA SER B 468 0.63 13.91 -8.51
C SER B 468 1.00 13.14 -7.25
N TYR B 469 0.33 12.00 -7.02
CA TYR B 469 0.83 11.04 -6.06
C TYR B 469 1.48 9.98 -6.88
N ILE B 470 2.80 9.89 -6.77
CA ILE B 470 3.61 9.02 -7.62
C ILE B 470 3.92 7.64 -7.02
N SER B 471 4.24 6.67 -7.89
CA SER B 471 4.58 5.34 -7.41
C SER B 471 6.04 4.90 -7.55
N MET B 472 6.40 3.85 -6.82
CA MET B 472 7.58 3.07 -7.13
C MET B 472 7.32 2.30 -8.40
N MET B 473 8.28 2.27 -9.30
CA MET B 473 8.12 1.44 -10.50
C MET B 473 9.28 0.48 -10.63
N VAL B 474 9.10 -0.59 -11.37
CA VAL B 474 10.12 -1.60 -11.42
C VAL B 474 10.18 -2.12 -12.85
N VAL B 475 11.38 -2.30 -13.37
CA VAL B 475 11.52 -3.01 -14.63
C VAL B 475 12.54 -4.10 -14.34
N SER B 476 12.21 -5.33 -14.74
CA SER B 476 13.10 -6.45 -14.42
C SER B 476 13.12 -7.56 -15.47
N LYS B 477 14.25 -8.26 -15.53
CA LYS B 477 14.32 -9.49 -16.30
C LYS B 477 13.33 -10.42 -15.68
N PRO B 478 12.49 -11.08 -16.51
CA PRO B 478 11.47 -12.00 -15.99
C PRO B 478 11.94 -13.15 -15.10
N GLU B 479 13.15 -13.71 -15.30
CA GLU B 479 13.68 -14.76 -14.38
C GLU B 479 13.80 -14.34 -12.93
N LEU B 480 13.89 -13.04 -12.69
CA LEU B 480 14.10 -12.55 -11.34
C LEU B 480 12.84 -12.68 -10.53
N GLY B 481 11.70 -12.86 -11.22
CA GLY B 481 10.43 -12.99 -10.55
C GLY B 481 9.75 -11.68 -10.16
N ASN B 482 8.68 -11.82 -9.39
CA ASN B 482 8.09 -10.69 -8.76
C ASN B 482 9.09 -10.05 -7.80
N ILE B 483 9.24 -8.74 -7.93
CA ILE B 483 10.14 -7.96 -7.10
C ILE B 483 9.33 -7.29 -6.01
N PRO B 484 9.67 -7.56 -4.73
CA PRO B 484 9.01 -6.93 -3.58
C PRO B 484 9.47 -5.49 -3.38
N TYR B 485 8.71 -4.72 -2.58
CA TYR B 485 9.05 -3.32 -2.19
C TYR B 485 9.40 -3.23 -0.73
N ALA B 486 10.44 -2.46 -0.43
CA ALA B 486 10.82 -2.21 0.92
C ALA B 486 9.81 -1.26 1.51
N PRO B 487 9.41 -1.51 2.77
CA PRO B 487 8.59 -0.58 3.52
C PRO B 487 9.06 0.86 3.39
N ILE B 488 10.36 1.11 3.58
CA ILE B 488 10.93 2.45 3.50
C ILE B 488 11.14 2.84 2.05
N ALA B 489 10.46 3.91 1.64
CA ALA B 489 10.47 4.42 0.26
C ALA B 489 11.87 4.56 -0.36
N THR B 490 12.87 4.95 0.43
CA THR B 490 14.24 5.10 -0.10
C THR B 490 15.07 3.81 -0.06
N GLU B 491 14.48 2.71 0.38
CA GLU B 491 15.25 1.48 0.44
C GLU B 491 14.95 0.61 -0.76
N ILE B 492 15.79 -0.37 -1.02
CA ILE B 492 15.59 -1.31 -2.10
C ILE B 492 15.89 -2.68 -1.51
N PRO B 493 14.91 -3.60 -1.57
CA PRO B 493 15.01 -4.87 -0.87
C PRO B 493 15.81 -5.89 -1.68
N PHE B 494 17.10 -5.59 -1.91
CA PHE B 494 17.94 -6.43 -2.74
C PHE B 494 18.14 -7.82 -2.14
N GLU B 495 18.12 -7.91 -0.81
CA GLU B 495 18.33 -9.18 -0.08
C GLU B 495 17.18 -10.17 -0.20
N GLN B 496 16.15 -9.79 -0.98
CA GLN B 496 14.94 -10.59 -1.16
C GLN B 496 14.77 -11.05 -2.61
N ILE B 497 15.77 -10.80 -3.45
CA ILE B 497 15.71 -11.22 -4.84
C ILE B 497 16.37 -12.59 -5.01
N LYS B 498 15.67 -13.48 -5.70
CA LYS B 498 16.09 -14.87 -5.99
C LYS B 498 16.19 -15.18 -7.50
N PRO B 499 17.35 -15.74 -7.97
CA PRO B 499 17.57 -16.18 -9.38
C PRO B 499 17.39 -17.70 -9.65
C ACT C . 12.11 -21.14 20.12
O ACT C . 12.19 -20.73 21.29
OXT ACT C . 11.41 -22.18 19.93
CH3 ACT C . 12.84 -20.39 19.05
C ACT D . -19.52 -13.79 -30.24
O ACT D . -19.34 -13.40 -29.06
OXT ACT D . -18.75 -13.26 -31.05
CH3 ACT D . -20.59 -14.79 -30.63
C ACT E . -19.48 17.46 17.73
O ACT E . -20.39 17.34 16.88
OXT ACT E . -18.38 17.84 17.25
CH3 ACT E . -19.67 17.16 19.20
S SO4 F . -34.90 -16.92 -12.95
O1 SO4 F . -33.75 -17.72 -12.56
O2 SO4 F . -35.44 -17.41 -14.21
O3 SO4 F . -35.93 -17.01 -11.90
O4 SO4 F . -34.50 -15.53 -13.16
C1 GOL G . -13.99 -19.49 27.46
O1 GOL G . -14.71 -18.31 27.85
C2 GOL G . -14.87 -20.76 27.49
O2 GOL G . -16.00 -20.57 28.32
C3 GOL G . -15.34 -21.21 26.11
O3 GOL G . -14.32 -21.07 25.15
C1 GOL H . -15.60 -35.94 21.51
O1 GOL H . -14.45 -36.68 21.81
C2 GOL H . -16.69 -36.58 22.32
O2 GOL H . -16.60 -35.95 23.58
C3 GOL H . -18.05 -36.41 21.66
O3 GOL H . -18.45 -35.06 21.65
C1 GOL I . -36.44 -1.09 -11.82
O1 GOL I . -35.45 -0.14 -11.50
C2 GOL I . -35.98 -1.94 -12.99
O2 GOL I . -36.12 -3.30 -12.66
C3 GOL I . -36.82 -1.62 -14.22
O3 GOL I . -37.08 -2.82 -14.93
FE FE J . -15.36 -17.42 1.05
C1 BHZ K . -16.68 -17.70 -2.19
C2 BHZ K . -16.85 -17.71 -3.59
C3 BHZ K . -16.96 -16.51 -4.31
C4 BHZ K . -16.89 -15.28 -3.62
C5 BHZ K . -16.73 -15.25 -2.23
C6 BHZ K . -16.62 -16.46 -1.52
O6 BHZ K . -16.44 -16.45 -0.16
C7 BHZ K . -16.57 -19.04 -1.47
N8 BHZ K . -15.41 -18.99 -0.55
C9 BHZ K . -14.17 -18.99 -1.33
C10 BHZ K . -13.03 -18.56 -0.43
N11 BHZ K . -13.30 -17.31 0.27
C12 BHZ K . -12.90 -16.28 -0.67
C13 BHZ K . -12.99 -14.91 -0.01
C14 BHZ K . -11.83 -14.16 0.22
C15 BHZ K . -11.93 -12.92 0.85
C16 BHZ K . -13.17 -12.42 1.22
C17 BHZ K . -14.32 -13.18 0.98
C18 BHZ K . -14.25 -14.43 0.37
C19 BHZ K . -15.42 -20.17 0.31
C20 BHZ K . -16.54 -20.04 1.32
O20 BHZ K . -16.80 -18.88 1.72
C21 BHZ K . -12.39 -17.25 1.42
O21 BHZ K . -17.12 -21.09 1.65
C22 BHZ K . -12.89 -18.12 2.56
O22 BHZ K . -14.11 -18.35 2.59
O23 BHZ K . -12.03 -18.53 3.37
O1 PER L . -16.50 -14.91 2.79
O2 PER L . -16.09 -16.25 2.44
CL CL M . 9.04 -25.27 -13.81
CL CL N . 11.70 -15.63 19.46
C1 GOL O . -13.02 -5.80 2.61
O1 GOL O . -13.57 -6.52 1.52
C2 GOL O . -12.81 -6.63 3.90
O2 GOL O . -13.94 -6.76 4.78
C3 GOL O . -12.27 -7.95 3.40
O3 GOL O . -13.40 -8.76 3.40
C1 GOL P . -19.51 -4.35 5.61
O1 GOL P . -18.94 -3.39 4.74
C2 GOL P . -18.55 -4.71 6.74
O2 GOL P . -18.90 -4.02 7.92
C3 GOL P . -17.08 -4.44 6.41
O3 GOL P . -16.62 -5.25 5.35
C ACT Q . -3.77 -36.42 5.33
O ACT Q . -2.61 -36.82 5.69
OXT ACT Q . -4.11 -36.43 4.12
CH3 ACT Q . -4.73 -35.97 6.38
C1 GOL R . -5.98 -10.81 13.04
O1 GOL R . -7.15 -10.85 12.22
C2 GOL R . -4.64 -10.92 12.30
O2 GOL R . -4.01 -9.67 12.18
C3 GOL R . -3.64 -11.81 13.02
O3 GOL R . -3.61 -13.11 12.52
C ACT S . 21.85 13.47 -3.65
O ACT S . 22.92 12.81 -3.61
OXT ACT S . 20.97 13.17 -2.81
CH3 ACT S . 21.64 14.54 -4.68
C ACT T . -7.75 17.62 -12.73
O ACT T . -7.90 17.45 -13.97
OXT ACT T . -7.02 18.59 -12.40
CH3 ACT T . -8.41 16.73 -11.71
C1 GOL U . 16.01 7.14 -10.54
O1 GOL U . 17.15 6.48 -10.04
C2 GOL U . 15.70 8.38 -9.72
O2 GOL U . 14.66 9.09 -10.38
C3 GOL U . 15.32 8.00 -8.27
O3 GOL U . 14.61 6.77 -8.18
FE FE V . 17.81 14.49 2.82
C1 BHZ W . 16.19 17.58 2.56
C2 BHZ W . 15.25 18.63 2.49
C3 BHZ W . 14.26 18.74 1.51
C4 BHZ W . 14.17 17.75 0.52
C5 BHZ W . 15.10 16.69 0.56
C6 BHZ W . 16.09 16.59 1.56
O6 BHZ W . 16.98 15.53 1.58
C7 BHZ W . 17.25 17.58 3.69
N8 BHZ W . 17.48 16.24 4.28
C9 BHZ W . 16.33 15.87 5.13
C10 BHZ W . 16.28 14.38 5.33
N11 BHZ W . 16.17 13.65 4.05
C12 BHZ W . 14.74 13.61 3.61
C13 BHZ W . 14.52 12.68 2.38
C14 BHZ W . 13.69 11.56 2.48
C15 BHZ W . 13.44 10.73 1.40
C16 BHZ W . 14.03 11.02 0.16
C17 BHZ W . 14.86 12.16 0.03
C18 BHZ W . 15.08 12.98 1.14
C19 BHZ W . 18.65 16.27 5.15
C20 BHZ W . 19.90 16.21 4.25
O20 BHZ W . 19.79 15.49 3.22
C21 BHZ W . 16.58 12.26 4.32
O21 BHZ W . 20.91 16.90 4.60
C22 BHZ W . 18.02 12.19 4.74
O22 BHZ W . 18.83 12.93 4.14
O23 BHZ W . 18.30 11.37 5.63
O1 PER X . 18.21 13.12 -0.26
O2 PER X . 18.39 13.38 1.16
C ACT Y . -15.84 24.99 -5.92
O ACT Y . -14.71 24.52 -6.09
OXT ACT Y . -16.75 24.37 -6.52
CH3 ACT Y . -16.09 26.20 -5.06
C1 GOL Z . 10.77 16.32 -10.26
O1 GOL Z . 9.65 15.57 -10.66
C2 GOL Z . 10.69 16.86 -8.81
O2 GOL Z . 9.46 16.62 -8.15
C3 GOL Z . 11.88 16.48 -7.92
O3 GOL Z . 11.78 17.17 -6.67
#